data_7VKQ
#
_entry.id   7VKQ
#
_cell.length_a   49.934
_cell.length_b   63.992
_cell.length_c   80.268
_cell.angle_alpha   90.260
_cell.angle_beta   93.380
_cell.angle_gamma   96.790
#
_symmetry.space_group_name_H-M   'P 1'
#
loop_
_entity.id
_entity.type
_entity.pdbx_description
1 polymer 'S-adenosylmethionine sensor upstream of mTORC1'
2 non-polymer S-ADENOSYL-L-HOMOCYSTEINE
3 water water
#
_entity_poly.entity_id   1
_entity_poly.type   'polypeptide(L)'
_entity_poly.pdbx_seq_one_letter_code
;GSMATEEHQRLASIVKSCHESLRQLTKEYGATAAWQEHTSPRNAKQLAEYAKAMKQLAAIWETNDGKVELQARSRIKWAI
DYITKYFFTEGIYLQKRQREQRLLESYRAEGKLGEVQCRLMEEPPDRLHVLDVGSCFNPFSSAPHLEVTALDLCPATEDV
LQADFLKVEVVPGIREPELEEGSVRRLPASHYECVIFSLLLEYMPSAEQRLQCCLQAYDLLLPEGILVLITPDSQHVGKN
AHLMKNWRYSLARIGLLRVRFEKLPHISCMVFRKAISRELSQHWASIHREEGMCEEIRIPQDDS
;
_entity_poly.pdbx_strand_id   A,B,C,D
#
# COMPACT_ATOMS: atom_id res chain seq x y z
N GLU A 69 28.13 29.01 18.17
CA GLU A 69 28.34 29.27 16.75
C GLU A 69 28.56 27.94 15.99
N LEU A 70 27.55 27.49 15.26
CA LEU A 70 27.63 26.21 14.57
C LEU A 70 28.66 26.27 13.43
N GLN A 71 29.18 25.09 13.07
CA GLN A 71 30.05 24.91 11.92
C GLN A 71 29.23 24.96 10.62
N ALA A 72 29.67 25.76 9.66
CA ALA A 72 29.06 25.73 8.33
C ALA A 72 29.38 24.40 7.64
N ARG A 73 28.46 23.97 6.77
CA ARG A 73 28.57 22.72 5.99
C ARG A 73 28.59 21.47 6.87
N SER A 74 28.15 21.59 8.12
CA SER A 74 28.04 20.40 8.95
C SER A 74 26.71 19.68 8.70
N ARG A 75 26.60 18.50 9.28
CA ARG A 75 25.31 17.79 9.33
C ARG A 75 24.22 18.62 9.99
N ILE A 76 24.58 19.44 10.98
CA ILE A 76 23.59 20.29 11.64
C ILE A 76 23.02 21.30 10.66
N LYS A 77 23.90 21.98 9.92
CA LYS A 77 23.41 23.00 9.00
C LYS A 77 22.66 22.37 7.82
N TRP A 78 23.10 21.19 7.38
CA TRP A 78 22.38 20.48 6.33
C TRP A 78 20.96 20.16 6.77
N ALA A 79 20.77 19.70 8.02
CA ALA A 79 19.46 19.28 8.46
C ALA A 79 18.53 20.48 8.64
N ILE A 80 19.03 21.56 9.25
CA ILE A 80 18.26 22.79 9.40
C ILE A 80 17.81 23.31 8.04
N ASP A 81 18.69 23.26 7.04
CA ASP A 81 18.34 23.79 5.73
C ASP A 81 17.28 22.90 5.07
N TYR A 82 17.43 21.58 5.19
CA TYR A 82 16.46 20.67 4.59
C TYR A 82 15.09 20.84 5.24
N ILE A 83 15.05 20.86 6.58
CA ILE A 83 13.78 21.01 7.29
C ILE A 83 13.07 22.29 6.85
N THR A 84 13.82 23.38 6.68
CA THR A 84 13.23 24.63 6.25
C THR A 84 12.64 24.51 4.84
N LYS A 85 13.39 23.89 3.93
CA LYS A 85 12.93 23.71 2.55
C LYS A 85 11.72 22.76 2.49
N TYR A 86 11.76 21.68 3.27
CA TYR A 86 10.67 20.71 3.24
C TYR A 86 9.36 21.34 3.71
N PHE A 87 9.39 22.12 4.79
CA PHE A 87 8.18 22.68 5.38
C PHE A 87 7.84 24.09 4.93
N PHE A 88 8.82 24.92 4.56
CA PHE A 88 8.49 26.31 4.24
C PHE A 88 8.96 26.76 2.86
N THR A 89 10.28 26.86 2.65
CA THR A 89 10.77 27.56 1.48
C THR A 89 10.64 26.79 0.16
N GLU A 90 10.41 25.48 0.16
CA GLU A 90 10.24 24.78 -1.10
C GLU A 90 8.99 23.92 -1.16
N GLY A 91 8.24 23.82 -0.07
CA GLY A 91 7.02 23.01 -0.07
C GLY A 91 7.24 21.57 -0.48
N ILE A 92 8.38 20.98 -0.08
CA ILE A 92 8.67 19.61 -0.48
C ILE A 92 7.61 18.65 0.03
N TYR A 93 7.01 18.94 1.20
CA TYR A 93 6.00 18.02 1.71
C TYR A 93 4.82 17.90 0.74
N LEU A 94 4.58 18.94 -0.07
CA LEU A 94 3.50 18.91 -1.06
C LEU A 94 3.94 18.21 -2.34
N GLN A 95 5.18 18.43 -2.77
CA GLN A 95 5.70 17.69 -3.91
C GLN A 95 5.64 16.20 -3.64
N LYS A 96 6.17 15.77 -2.50
CA LYS A 96 6.17 14.34 -2.20
C LYS A 96 4.76 13.83 -2.00
N ARG A 97 3.86 14.70 -1.51
CA ARG A 97 2.45 14.30 -1.38
C ARG A 97 1.88 13.94 -2.75
N GLN A 98 2.12 14.82 -3.74
CA GLN A 98 1.60 14.54 -5.08
C GLN A 98 2.22 13.29 -5.65
N ARG A 99 3.51 13.08 -5.42
CA ARG A 99 4.19 11.88 -5.89
C ARG A 99 3.55 10.62 -5.30
N GLU A 100 3.31 10.63 -3.99
CA GLU A 100 2.70 9.47 -3.34
C GLU A 100 1.28 9.25 -3.81
N GLN A 101 0.53 10.32 -4.07
CA GLN A 101 -0.83 10.18 -4.57
C GLN A 101 -0.85 9.58 -5.96
N ARG A 102 0.13 9.94 -6.81
N ARG A 102 0.15 9.90 -6.80
CA ARG A 102 0.28 9.32 -8.12
CA ARG A 102 0.21 9.30 -8.12
C ARG A 102 0.64 7.84 -7.99
C ARG A 102 0.73 7.86 -8.06
N LEU A 103 1.56 7.54 -7.05
CA LEU A 103 1.97 6.16 -6.86
C LEU A 103 0.78 5.31 -6.43
N LEU A 104 -0.06 5.85 -5.54
CA LEU A 104 -1.24 5.11 -5.10
C LEU A 104 -2.19 4.86 -6.26
N GLU A 105 -2.38 5.85 -7.13
CA GLU A 105 -3.23 5.64 -8.31
C GLU A 105 -2.69 4.53 -9.19
N SER A 106 -1.36 4.51 -9.39
CA SER A 106 -0.75 3.48 -10.22
C SER A 106 -0.96 2.10 -9.61
N TYR A 107 -0.77 1.98 -8.30
CA TYR A 107 -0.99 0.69 -7.66
C TYR A 107 -2.45 0.25 -7.73
N ARG A 108 -3.39 1.19 -7.53
CA ARG A 108 -4.80 0.83 -7.64
C ARG A 108 -5.14 0.41 -9.06
N ALA A 109 -4.61 1.14 -10.05
CA ALA A 109 -4.88 0.84 -11.44
C ALA A 109 -4.34 -0.53 -11.85
N GLU A 110 -3.37 -1.05 -11.13
CA GLU A 110 -2.87 -2.39 -11.37
C GLU A 110 -3.52 -3.42 -10.48
N GLY A 111 -4.49 -3.02 -9.65
CA GLY A 111 -5.16 -3.93 -8.76
C GLY A 111 -4.32 -4.44 -7.61
N LYS A 112 -3.16 -3.82 -7.37
CA LYS A 112 -2.29 -4.24 -6.28
C LYS A 112 -2.69 -3.63 -4.95
N LEU A 113 -3.53 -2.60 -4.94
CA LEU A 113 -4.03 -1.98 -3.74
C LEU A 113 -5.48 -1.60 -3.94
N GLY A 114 -6.26 -1.68 -2.88
CA GLY A 114 -7.62 -1.18 -2.85
C GLY A 114 -7.69 0.23 -2.31
N GLU A 115 -8.83 0.56 -1.72
CA GLU A 115 -9.00 1.85 -1.05
C GLU A 115 -8.21 1.83 0.25
N VAL A 116 -7.34 2.80 0.43
CA VAL A 116 -6.51 2.86 1.63
C VAL A 116 -6.77 4.18 2.32
N GLN A 117 -6.43 4.23 3.60
CA GLN A 117 -6.59 5.44 4.38
C GLN A 117 -5.35 6.30 4.24
N CYS A 118 -5.54 7.56 3.87
CA CYS A 118 -4.46 8.51 3.79
C CYS A 118 -4.64 9.57 4.86
N ARG A 119 -3.52 10.00 5.42
CA ARG A 119 -3.49 11.06 6.42
C ARG A 119 -2.55 12.14 5.93
N LEU A 120 -3.06 13.36 5.87
CA LEU A 120 -2.34 14.50 5.34
C LEU A 120 -2.04 15.48 6.45
N MET A 121 -0.88 16.10 6.35
CA MET A 121 -0.56 17.20 7.24
C MET A 121 -1.36 18.45 6.83
N GLU A 122 -1.74 19.25 7.82
CA GLU A 122 -2.23 20.59 7.54
C GLU A 122 -1.06 21.53 7.29
N GLU A 123 -1.36 22.77 6.91
CA GLU A 123 -0.30 23.72 6.67
C GLU A 123 0.60 23.79 7.90
N PRO A 124 1.92 23.73 7.74
CA PRO A 124 2.83 23.63 8.90
C PRO A 124 2.76 24.88 9.76
N PRO A 125 2.83 24.73 11.08
CA PRO A 125 2.89 25.90 11.95
C PRO A 125 4.25 26.58 11.82
N ASP A 126 4.29 27.86 12.21
CA ASP A 126 5.54 28.60 12.11
C ASP A 126 6.63 27.96 12.94
N ARG A 127 6.30 27.53 14.17
CA ARG A 127 7.28 26.89 15.04
C ARG A 127 7.08 25.37 14.96
N LEU A 128 8.05 24.68 14.36
CA LEU A 128 7.98 23.24 14.17
C LEU A 128 8.37 22.50 15.45
N HIS A 129 7.61 21.46 15.78
CA HIS A 129 7.91 20.59 16.91
C HIS A 129 8.93 19.55 16.45
N VAL A 130 10.13 19.62 17.00
CA VAL A 130 11.25 18.80 16.58
C VAL A 130 11.72 17.99 17.77
N LEU A 131 11.90 16.68 17.57
CA LEU A 131 12.46 15.80 18.59
C LEU A 131 13.86 15.39 18.16
N ASP A 132 14.86 15.72 18.99
CA ASP A 132 16.27 15.43 18.73
C ASP A 132 16.68 14.31 19.68
N VAL A 133 16.84 13.10 19.15
CA VAL A 133 17.09 11.90 19.95
C VAL A 133 18.57 11.55 19.87
N GLY A 134 19.21 11.36 21.01
CA GLY A 134 20.66 11.32 21.03
C GLY A 134 21.27 12.69 20.81
N SER A 135 20.64 13.74 21.34
CA SER A 135 20.99 15.11 21.00
C SER A 135 22.38 15.49 21.47
N CYS A 136 22.80 15.00 22.65
CA CYS A 136 24.06 15.33 23.31
C CYS A 136 24.06 16.77 23.85
N PHE A 137 24.02 17.79 22.96
CA PHE A 137 24.16 19.17 23.42
C PHE A 137 23.13 20.12 22.79
N ASN A 138 22.04 19.60 22.21
CA ASN A 138 20.95 20.43 21.67
C ASN A 138 21.43 21.43 20.61
N PRO A 139 22.12 20.98 19.56
CA PRO A 139 22.60 21.96 18.55
C PRO A 139 21.48 22.59 17.73
N PHE A 140 20.28 22.03 17.74
CA PHE A 140 19.24 22.54 16.86
C PHE A 140 18.36 23.61 17.49
N SER A 141 18.45 23.82 18.82
CA SER A 141 17.42 24.57 19.51
C SER A 141 17.43 26.07 19.17
N SER A 142 18.56 26.63 18.77
CA SER A 142 18.53 28.04 18.41
C SER A 142 18.20 28.28 16.94
N ALA A 143 17.92 27.23 16.18
CA ALA A 143 17.64 27.41 14.76
C ALA A 143 16.26 28.03 14.59
N PRO A 144 16.10 28.95 13.64
CA PRO A 144 14.82 29.68 13.51
C PRO A 144 13.63 28.75 13.29
N HIS A 145 12.55 29.11 13.97
CA HIS A 145 11.32 28.33 14.16
C HIS A 145 11.49 26.81 14.18
N LEU A 146 12.42 26.31 15.00
CA LEU A 146 12.42 24.93 15.46
C LEU A 146 12.22 24.95 16.97
N GLU A 147 11.12 24.33 17.43
CA GLU A 147 10.87 24.14 18.86
C GLU A 147 11.34 22.73 19.22
N VAL A 148 12.52 22.64 19.83
CA VAL A 148 13.24 21.36 19.91
C VAL A 148 13.06 20.77 21.29
N THR A 149 12.68 19.50 21.33
CA THR A 149 12.77 18.68 22.53
C THR A 149 13.94 17.74 22.30
N ALA A 150 14.95 17.82 23.15
CA ALA A 150 16.22 17.11 23.00
C ALA A 150 16.34 16.05 24.08
N LEU A 151 16.69 14.83 23.69
CA LEU A 151 16.78 13.69 24.59
C LEU A 151 18.15 13.04 24.41
N ASP A 152 18.76 12.58 25.51
CA ASP A 152 20.02 11.87 25.40
C ASP A 152 20.19 10.90 26.56
N LEU A 153 20.80 9.73 26.28
CA LEU A 153 21.12 8.79 27.34
C LEU A 153 22.06 9.41 28.37
N CYS A 154 23.01 10.23 27.90
CA CYS A 154 24.00 10.88 28.77
C CYS A 154 24.12 12.35 28.38
N PRO A 155 23.20 13.20 28.82
CA PRO A 155 23.20 14.60 28.36
C PRO A 155 24.48 15.33 28.69
N ALA A 156 24.97 16.11 27.72
CA ALA A 156 26.16 16.92 27.97
C ALA A 156 25.82 18.31 28.46
N THR A 157 24.63 18.83 28.15
CA THR A 157 24.22 20.16 28.58
C THR A 157 22.91 20.07 29.34
N GLU A 158 22.62 21.11 30.13
CA GLU A 158 21.46 21.09 31.01
C GLU A 158 20.12 21.16 30.27
N ASP A 159 20.11 21.63 29.03
CA ASP A 159 18.85 21.75 28.30
C ASP A 159 18.48 20.48 27.55
N VAL A 160 19.21 19.39 27.75
CA VAL A 160 18.92 18.11 27.12
C VAL A 160 18.34 17.20 28.19
N LEU A 161 17.20 16.57 27.88
CA LEU A 161 16.55 15.69 28.83
C LEU A 161 17.22 14.32 28.87
N GLN A 162 17.29 13.72 30.04
CA GLN A 162 17.85 12.37 30.12
C GLN A 162 16.78 11.37 29.69
N ALA A 163 17.17 10.44 28.81
CA ALA A 163 16.26 9.36 28.41
C ALA A 163 17.06 8.25 27.74
N ASP A 164 16.69 7.00 28.01
CA ASP A 164 17.04 5.88 27.13
C ASP A 164 15.89 5.73 26.15
N PHE A 165 16.14 6.06 24.88
CA PHE A 165 15.05 6.12 23.91
C PHE A 165 14.36 4.77 23.74
N LEU A 166 15.09 3.68 23.95
CA LEU A 166 14.51 2.34 23.79
C LEU A 166 13.46 2.04 24.84
N LYS A 167 13.44 2.78 25.94
CA LYS A 167 12.47 2.55 27.00
C LYS A 167 11.35 3.58 26.99
N VAL A 168 11.27 4.40 25.94
CA VAL A 168 10.25 5.44 25.86
C VAL A 168 8.98 4.87 25.24
N GLU A 169 7.84 5.19 25.86
CA GLU A 169 6.53 4.85 25.31
C GLU A 169 5.97 6.06 24.57
N VAL A 170 5.33 5.80 23.43
CA VAL A 170 4.71 6.84 22.62
C VAL A 170 3.22 6.84 22.92
N VAL A 171 2.72 7.94 23.47
CA VAL A 171 1.41 8.00 24.11
C VAL A 171 0.51 9.01 23.39
N PRO A 172 -0.64 8.59 22.85
CA PRO A 172 -1.55 9.56 22.27
C PRO A 172 -2.26 10.34 23.35
N GLY A 173 -2.52 11.61 23.08
CA GLY A 173 -3.32 12.40 23.98
C GLY A 173 -2.55 13.20 25.01
N ILE A 174 -1.26 12.96 25.18
CA ILE A 174 -0.45 13.86 25.98
C ILE A 174 0.23 14.82 25.02
N ARG A 175 0.74 15.93 25.55
CA ARG A 175 1.28 17.00 24.71
C ARG A 175 2.67 17.46 25.17
N GLU A 176 3.36 16.66 25.95
CA GLU A 176 4.69 17.01 26.42
C GLU A 176 5.34 15.76 27.02
N PRO A 177 6.67 15.76 27.15
CA PRO A 177 7.34 14.59 27.74
C PRO A 177 6.89 14.38 29.17
N GLU A 178 6.81 13.11 29.58
CA GLU A 178 6.50 12.76 30.96
C GLU A 178 7.68 11.98 31.52
N LEU A 179 8.21 12.47 32.66
CA LEU A 179 9.41 11.95 33.28
C LEU A 179 9.07 11.21 34.56
N GLU A 180 9.91 10.22 34.89
CA GLU A 180 9.93 9.62 36.22
C GLU A 180 11.38 9.52 36.66
N GLU A 181 11.67 10.04 37.86
CA GLU A 181 13.01 9.98 38.43
C GLU A 181 14.03 10.61 37.49
N GLY A 182 13.63 11.70 36.83
CA GLY A 182 14.53 12.46 35.98
C GLY A 182 14.77 11.90 34.59
N SER A 183 14.01 10.90 34.18
CA SER A 183 14.22 10.20 32.91
C SER A 183 12.91 10.26 32.15
N VAL A 184 12.97 10.64 30.86
CA VAL A 184 11.78 10.66 30.02
C VAL A 184 11.26 9.23 29.86
N ARG A 185 10.01 9.02 30.25
CA ARG A 185 9.38 7.73 30.05
C ARG A 185 8.32 7.74 28.96
N ARG A 186 7.71 8.88 28.64
CA ARG A 186 6.58 8.94 27.72
C ARG A 186 6.71 10.20 26.87
N LEU A 187 6.37 10.09 25.60
CA LEU A 187 6.42 11.15 24.61
C LEU A 187 5.11 11.17 23.83
N PRO A 188 4.68 12.35 23.36
CA PRO A 188 3.35 12.43 22.73
C PRO A 188 3.37 11.80 21.35
N ALA A 189 2.39 10.93 21.09
CA ALA A 189 2.24 10.33 19.77
C ALA A 189 1.78 11.36 18.74
N SER A 190 2.21 11.14 17.50
CA SER A 190 1.72 11.90 16.35
C SER A 190 1.79 13.40 16.62
N HIS A 191 2.96 13.86 17.03
CA HIS A 191 3.11 15.17 17.60
C HIS A 191 4.19 16.01 16.96
N TYR A 192 5.19 15.40 16.33
CA TYR A 192 6.37 16.12 15.89
C TYR A 192 6.40 16.21 14.37
N GLU A 193 6.61 17.42 13.83
CA GLU A 193 6.88 17.53 12.40
C GLU A 193 8.18 16.84 12.00
N CYS A 194 9.12 16.71 12.94
CA CYS A 194 10.43 16.22 12.60
C CYS A 194 11.05 15.48 13.78
N VAL A 195 11.68 14.34 13.49
CA VAL A 195 12.50 13.60 14.43
C VAL A 195 13.90 13.48 13.85
N ILE A 196 14.91 13.70 14.68
CA ILE A 196 16.29 13.74 14.24
C ILE A 196 17.05 12.65 15.00
N PHE A 197 17.65 11.73 14.23
CA PHE A 197 18.58 10.70 14.68
C PHE A 197 19.92 11.05 14.04
N SER A 198 20.65 11.99 14.65
CA SER A 198 21.95 12.40 14.11
C SER A 198 23.04 11.61 14.81
N LEU A 199 23.56 10.59 14.11
CA LEU A 199 24.64 9.74 14.58
C LEU A 199 24.23 8.92 15.81
N LEU A 200 22.98 8.48 15.83
CA LEU A 200 22.40 7.77 16.96
C LEU A 200 22.40 6.26 16.79
N LEU A 201 22.00 5.77 15.60
CA LEU A 201 21.62 4.36 15.46
C LEU A 201 22.80 3.43 15.67
N GLU A 202 24.01 3.88 15.33
CA GLU A 202 25.14 2.99 15.47
C GLU A 202 25.46 2.70 16.93
N TYR A 203 24.86 3.41 17.89
CA TYR A 203 25.07 3.12 19.30
C TYR A 203 24.08 2.08 19.83
N MET A 204 23.06 1.73 19.07
CA MET A 204 22.12 0.72 19.50
C MET A 204 22.78 -0.65 19.44
N PRO A 205 22.47 -1.56 20.37
CA PRO A 205 23.22 -2.81 20.43
C PRO A 205 22.82 -3.83 19.36
N SER A 206 21.67 -3.67 18.70
CA SER A 206 21.22 -4.69 17.76
C SER A 206 20.49 -4.03 16.60
N ALA A 207 20.43 -4.77 15.49
CA ALA A 207 19.65 -4.33 14.33
C ALA A 207 18.17 -4.28 14.66
N GLU A 208 17.70 -5.20 15.51
CA GLU A 208 16.32 -5.14 15.99
C GLU A 208 16.07 -3.83 16.71
N GLN A 209 17.02 -3.40 17.55
CA GLN A 209 16.77 -2.19 18.33
C GLN A 209 16.92 -0.93 17.49
N ARG A 210 17.75 -0.96 16.44
CA ARG A 210 17.76 0.17 15.53
C ARG A 210 16.41 0.34 14.85
N LEU A 211 15.80 -0.76 14.42
CA LEU A 211 14.48 -0.67 13.83
C LEU A 211 13.47 -0.17 14.85
N GLN A 212 13.53 -0.71 16.08
CA GLN A 212 12.64 -0.24 17.14
C GLN A 212 12.64 1.28 17.22
N CYS A 213 13.83 1.89 17.21
CA CYS A 213 13.95 3.34 17.26
C CYS A 213 13.17 4.00 16.14
N CYS A 214 13.25 3.45 14.92
CA CYS A 214 12.57 4.09 13.80
C CYS A 214 11.07 3.84 13.86
N LEU A 215 10.65 2.69 14.37
CA LEU A 215 9.24 2.44 14.63
C LEU A 215 8.68 3.45 15.62
N GLN A 216 9.42 3.75 16.70
CA GLN A 216 8.98 4.79 17.62
C GLN A 216 8.95 6.15 16.93
N ALA A 217 9.99 6.48 16.16
CA ALA A 217 9.95 7.73 15.41
C ALA A 217 8.71 7.80 14.53
N TYR A 218 8.32 6.68 13.92
CA TYR A 218 7.11 6.69 13.09
C TYR A 218 5.90 7.08 13.91
N ASP A 219 5.74 6.48 15.08
CA ASP A 219 4.55 6.77 15.89
C ASP A 219 4.59 8.19 16.45
N LEU A 220 5.78 8.76 16.57
CA LEU A 220 5.94 10.11 17.10
C LEU A 220 5.64 11.17 16.05
N LEU A 221 5.79 10.84 14.78
CA LEU A 221 5.68 11.86 13.73
C LEU A 221 4.23 12.12 13.36
N LEU A 222 3.95 13.39 13.06
CA LEU A 222 2.71 13.75 12.40
C LEU A 222 2.69 13.15 10.98
N PRO A 223 1.50 12.97 10.41
CA PRO A 223 1.43 12.59 8.99
C PRO A 223 2.30 13.52 8.15
N GLU A 224 3.06 12.93 7.23
CA GLU A 224 3.95 13.64 6.33
C GLU A 224 5.10 14.34 7.06
N GLY A 225 5.31 14.05 8.36
CA GLY A 225 6.50 14.47 9.06
C GLY A 225 7.72 13.69 8.58
N ILE A 226 8.90 14.11 9.01
CA ILE A 226 10.15 13.58 8.45
C ILE A 226 11.08 13.12 9.55
N LEU A 227 11.67 11.96 9.34
CA LEU A 227 12.75 11.46 10.18
C LEU A 227 14.06 11.78 9.47
N VAL A 228 14.89 12.59 10.13
CA VAL A 228 16.20 12.93 9.61
C VAL A 228 17.19 11.94 10.20
N LEU A 229 17.95 11.27 9.33
CA LEU A 229 18.81 10.17 9.72
C LEU A 229 20.20 10.45 9.21
N ILE A 230 21.15 10.63 10.12
CA ILE A 230 22.54 10.90 9.78
C ILE A 230 23.38 9.77 10.37
N THR A 231 24.28 9.22 9.56
CA THR A 231 25.04 8.04 9.97
C THR A 231 26.46 8.11 9.41
N PRO A 232 27.42 7.53 10.11
CA PRO A 232 28.81 7.60 9.65
C PRO A 232 29.07 6.66 8.47
N ASP A 233 30.13 6.98 7.74
CA ASP A 233 30.67 6.13 6.68
C ASP A 233 31.45 4.95 7.24
N SER A 234 32.06 4.21 6.32
CA SER A 234 32.97 3.10 6.59
C SER A 234 33.63 2.73 5.28
N HIS A 242 24.11 -2.52 -1.54
CA HIS A 242 24.48 -1.57 -0.52
C HIS A 242 23.56 -1.68 0.70
N LEU A 243 24.12 -1.27 1.84
CA LEU A 243 23.37 -1.28 3.08
C LEU A 243 22.25 -0.23 3.08
N MET A 244 22.44 0.87 2.34
CA MET A 244 21.41 1.91 2.31
C MET A 244 20.20 1.49 1.48
N LYS A 245 20.38 0.64 0.47
CA LYS A 245 19.23 0.03 -0.20
C LYS A 245 18.39 -0.78 0.78
N ASN A 246 19.03 -1.52 1.68
CA ASN A 246 18.30 -2.33 2.66
C ASN A 246 17.64 -1.43 3.70
N TRP A 247 18.31 -0.37 4.14
CA TRP A 247 17.65 0.58 5.04
C TRP A 247 16.42 1.18 4.38
N ARG A 248 16.54 1.54 3.11
CA ARG A 248 15.39 2.09 2.41
C ARG A 248 14.26 1.10 2.37
N TYR A 249 14.57 -0.17 2.07
CA TYR A 249 13.54 -1.19 2.07
C TYR A 249 12.93 -1.37 3.45
N SER A 250 13.78 -1.45 4.48
CA SER A 250 13.29 -1.80 5.81
C SER A 250 12.42 -0.69 6.37
N LEU A 251 12.75 0.56 6.05
CA LEU A 251 11.97 1.69 6.55
C LEU A 251 10.68 1.86 5.76
N ALA A 252 10.74 1.62 4.45
CA ALA A 252 9.51 1.60 3.64
C ALA A 252 8.52 0.58 4.20
N ARG A 253 9.03 -0.57 4.66
CA ARG A 253 8.19 -1.61 5.23
C ARG A 253 7.38 -1.12 6.43
N ILE A 254 7.85 -0.13 7.16
CA ILE A 254 7.14 0.36 8.33
C ILE A 254 6.53 1.74 8.11
N GLY A 255 6.52 2.25 6.87
CA GLY A 255 5.76 3.44 6.55
C GLY A 255 6.57 4.69 6.26
N LEU A 256 7.91 4.59 6.26
CA LEU A 256 8.82 5.70 5.99
C LEU A 256 9.42 5.56 4.60
N LEU A 257 9.12 6.51 3.71
CA LEU A 257 9.68 6.51 2.38
C LEU A 257 10.80 7.56 2.30
N ARG A 258 11.94 7.17 1.72
CA ARG A 258 13.06 8.09 1.65
C ARG A 258 12.78 9.18 0.64
N VAL A 259 13.07 10.42 1.02
CA VAL A 259 12.85 11.56 0.15
C VAL A 259 14.12 12.35 -0.12
N ARG A 260 15.22 12.07 0.56
CA ARG A 260 16.48 12.73 0.27
C ARG A 260 17.62 11.85 0.74
N PHE A 261 18.70 11.81 -0.05
CA PHE A 261 19.95 11.18 0.35
C PHE A 261 21.09 12.05 -0.15
N GLU A 262 22.02 12.42 0.74
CA GLU A 262 23.15 13.24 0.35
C GLU A 262 24.39 12.79 1.09
N LYS A 263 25.50 12.76 0.38
CA LYS A 263 26.79 12.47 1.01
C LYS A 263 27.42 13.75 1.52
N LEU A 264 27.79 13.76 2.80
CA LEU A 264 28.60 14.84 3.33
C LEU A 264 29.94 14.24 3.74
N PRO A 265 30.98 15.03 4.04
CA PRO A 265 32.25 14.41 4.48
C PRO A 265 32.03 13.47 5.65
N HIS A 266 32.41 12.20 5.44
CA HIS A 266 32.41 11.13 6.41
C HIS A 266 31.03 10.69 6.89
N ILE A 267 29.94 11.19 6.28
CA ILE A 267 28.60 10.86 6.74
C ILE A 267 27.63 10.75 5.57
N SER A 268 26.57 9.97 5.78
CA SER A 268 25.42 9.92 4.89
C SER A 268 24.28 10.67 5.55
N CYS A 269 23.62 11.54 4.79
CA CYS A 269 22.51 12.34 5.31
C CYS A 269 21.24 11.90 4.59
N MET A 270 20.23 11.46 5.34
CA MET A 270 19.01 10.93 4.74
C MET A 270 17.79 11.55 5.42
N VAL A 271 16.71 11.63 4.66
CA VAL A 271 15.42 12.03 5.21
C VAL A 271 14.39 10.99 4.80
N PHE A 272 13.59 10.56 5.76
CA PHE A 272 12.51 9.63 5.48
C PHE A 272 11.21 10.30 5.87
N ARG A 273 10.20 10.15 5.02
CA ARG A 273 8.91 10.80 5.18
C ARG A 273 7.87 9.80 5.66
N LYS A 274 7.06 10.20 6.64
CA LYS A 274 5.87 9.43 7.00
C LYS A 274 4.88 9.57 5.84
N ALA A 275 4.81 8.55 5.00
CA ALA A 275 4.02 8.64 3.77
C ALA A 275 2.55 8.83 4.10
N ILE A 276 1.79 9.26 3.08
CA ILE A 276 0.37 9.52 3.27
C ILE A 276 -0.36 8.27 3.70
N SER A 277 0.21 7.10 3.45
CA SER A 277 -0.46 5.83 3.77
C SER A 277 0.60 4.79 4.09
N ARG A 278 0.49 4.17 5.27
CA ARG A 278 1.47 3.12 5.60
C ARG A 278 1.38 1.98 4.60
N GLU A 279 0.17 1.59 4.23
CA GLU A 279 0.00 0.48 3.29
C GLU A 279 0.64 0.78 1.95
N LEU A 280 0.60 2.05 1.52
CA LEU A 280 1.26 2.45 0.29
C LEU A 280 2.76 2.19 0.37
N SER A 281 3.37 2.70 1.45
CA SER A 281 4.79 2.53 1.66
C SER A 281 5.15 1.04 1.76
N GLN A 282 4.34 0.27 2.48
CA GLN A 282 4.54 -1.18 2.59
C GLN A 282 4.57 -1.85 1.22
N HIS A 283 3.68 -1.41 0.32
CA HIS A 283 3.61 -2.07 -0.98
C HIS A 283 4.80 -1.69 -1.85
N TRP A 284 5.22 -0.43 -1.79
CA TRP A 284 6.46 -0.03 -2.43
C TRP A 284 7.61 -0.93 -1.96
N ALA A 285 7.72 -1.12 -0.63
CA ALA A 285 8.78 -1.96 -0.08
C ALA A 285 8.72 -3.38 -0.65
N SER A 286 7.50 -3.93 -0.78
CA SER A 286 7.32 -5.26 -1.37
C SER A 286 7.87 -5.33 -2.79
N ILE A 287 7.67 -4.27 -3.56
CA ILE A 287 8.04 -4.31 -4.97
C ILE A 287 9.56 -4.27 -5.12
N HIS A 288 10.23 -3.59 -4.21
CA HIS A 288 11.65 -3.32 -4.32
C HIS A 288 12.48 -4.18 -3.37
N ARG A 289 11.90 -5.25 -2.83
CA ARG A 289 12.66 -6.14 -1.96
C ARG A 289 13.63 -6.94 -2.81
N GLU A 290 14.89 -6.98 -2.40
CA GLU A 290 15.89 -7.75 -3.12
C GLU A 290 16.27 -8.98 -2.29
N GLU A 291 16.80 -9.98 -2.98
CA GLU A 291 17.07 -11.26 -2.32
C GLU A 291 18.13 -11.08 -1.25
N GLY A 292 17.90 -11.64 -0.08
CA GLY A 292 18.84 -11.57 1.00
C GLY A 292 18.79 -10.32 1.86
N MET A 293 17.90 -9.37 1.59
CA MET A 293 17.83 -8.20 2.47
C MET A 293 16.85 -8.47 3.60
N CYS A 294 17.18 -7.97 4.79
CA CYS A 294 16.46 -8.31 6.01
C CYS A 294 15.45 -7.23 6.40
N GLU A 295 14.66 -7.55 7.42
CA GLU A 295 13.69 -6.61 7.96
C GLU A 295 14.33 -5.53 8.84
N GLU A 296 15.45 -5.83 9.48
CA GLU A 296 16.01 -4.93 10.48
C GLU A 296 16.97 -3.92 9.84
N ILE A 297 17.61 -3.12 10.67
CA ILE A 297 18.49 -2.04 10.23
C ILE A 297 19.88 -2.42 10.69
N ARG A 298 20.67 -3.01 9.81
CA ARG A 298 22.01 -3.47 10.18
C ARG A 298 23.04 -2.38 9.96
N ILE A 299 24.17 -2.50 10.68
CA ILE A 299 25.31 -1.61 10.49
C ILE A 299 26.50 -2.47 10.12
N PRO A 300 27.50 -1.90 9.45
CA PRO A 300 28.69 -2.69 9.07
C PRO A 300 29.25 -3.51 10.24
N GLN A 301 29.24 -3.00 11.47
CA GLN A 301 29.86 -3.74 12.56
C GLN A 301 28.99 -4.88 13.12
N ASP A 302 27.78 -5.07 12.59
CA ASP A 302 27.12 -6.38 12.67
C ASP A 302 27.86 -7.46 11.85
N ASP A 303 28.90 -7.08 11.10
CA ASP A 303 29.84 -7.98 10.37
C ASP A 303 29.34 -8.33 8.98
N GLU B 69 -16.68 3.62 -18.78
CA GLU B 69 -16.18 2.86 -17.64
C GLU B 69 -17.24 2.00 -16.97
N LEU B 70 -16.77 1.09 -16.12
CA LEU B 70 -17.62 0.19 -15.36
C LEU B 70 -18.28 0.91 -14.17
N GLN B 71 -19.50 0.47 -13.84
CA GLN B 71 -20.21 0.98 -12.67
C GLN B 71 -19.51 0.53 -11.39
N ALA B 72 -19.49 1.42 -10.39
CA ALA B 72 -18.55 1.25 -9.27
C ALA B 72 -18.97 0.11 -8.34
N ARG B 73 -20.23 0.09 -7.90
CA ARG B 73 -20.68 -0.88 -6.90
C ARG B 73 -21.32 -2.12 -7.51
N SER B 74 -20.93 -2.48 -8.73
CA SER B 74 -21.65 -3.49 -9.49
C SER B 74 -21.14 -4.89 -9.17
N ARG B 75 -21.84 -5.87 -9.74
CA ARG B 75 -21.38 -7.26 -9.72
C ARG B 75 -20.03 -7.44 -10.42
N ILE B 76 -19.73 -6.58 -11.40
CA ILE B 76 -18.48 -6.71 -12.13
C ILE B 76 -17.31 -6.29 -11.26
N LYS B 77 -17.44 -5.16 -10.57
CA LYS B 77 -16.41 -4.70 -9.65
C LYS B 77 -16.23 -5.66 -8.48
N TRP B 78 -17.36 -6.15 -7.93
CA TRP B 78 -17.29 -7.10 -6.82
C TRP B 78 -16.54 -8.36 -7.22
N ALA B 79 -16.79 -8.88 -8.43
CA ALA B 79 -16.10 -10.09 -8.86
C ALA B 79 -14.62 -9.86 -9.12
N ILE B 80 -14.26 -8.75 -9.78
CA ILE B 80 -12.86 -8.41 -10.02
C ILE B 80 -12.11 -8.30 -8.69
N ASP B 81 -12.72 -7.60 -7.73
CA ASP B 81 -12.13 -7.41 -6.42
C ASP B 81 -11.94 -8.74 -5.70
N TYR B 82 -12.96 -9.61 -5.72
CA TYR B 82 -12.81 -10.92 -5.06
C TYR B 82 -11.73 -11.76 -5.72
N ILE B 83 -11.73 -11.82 -7.05
CA ILE B 83 -10.72 -12.63 -7.74
C ILE B 83 -9.32 -12.14 -7.38
N THR B 84 -9.12 -10.83 -7.34
CA THR B 84 -7.83 -10.26 -6.99
C THR B 84 -7.43 -10.63 -5.56
N LYS B 85 -8.37 -10.60 -4.62
CA LYS B 85 -8.05 -10.97 -3.24
C LYS B 85 -7.75 -12.46 -3.12
N TYR B 86 -8.52 -13.29 -3.82
CA TYR B 86 -8.36 -14.74 -3.73
C TYR B 86 -6.97 -15.20 -4.16
N PHE B 87 -6.48 -14.68 -5.31
CA PHE B 87 -5.22 -15.14 -5.88
C PHE B 87 -4.01 -14.27 -5.54
N PHE B 88 -4.18 -12.96 -5.33
CA PHE B 88 -3.03 -12.05 -5.20
C PHE B 88 -2.97 -11.35 -3.85
N THR B 89 -3.94 -10.48 -3.52
CA THR B 89 -3.71 -9.54 -2.43
C THR B 89 -4.03 -10.11 -1.05
N GLU B 90 -4.84 -11.15 -0.94
CA GLU B 90 -5.10 -11.73 0.36
C GLU B 90 -4.74 -13.20 0.47
N GLY B 91 -4.43 -13.86 -0.64
CA GLY B 91 -4.09 -15.27 -0.59
C GLY B 91 -5.21 -16.11 0.00
N ILE B 92 -6.45 -15.83 -0.38
CA ILE B 92 -7.56 -16.64 0.14
C ILE B 92 -7.39 -18.08 -0.30
N TYR B 93 -6.74 -18.34 -1.44
CA TYR B 93 -6.60 -19.72 -1.86
C TYR B 93 -5.78 -20.52 -0.86
N LEU B 94 -4.83 -19.86 -0.19
CA LEU B 94 -4.07 -20.52 0.87
C LEU B 94 -4.87 -20.63 2.16
N GLN B 95 -5.68 -19.63 2.49
CA GLN B 95 -6.50 -19.71 3.70
C GLN B 95 -7.47 -20.89 3.62
N LYS B 96 -8.15 -21.03 2.47
CA LYS B 96 -9.13 -22.10 2.30
C LYS B 96 -8.45 -23.45 2.14
N ARG B 97 -7.22 -23.47 1.61
CA ARG B 97 -6.47 -24.72 1.55
C ARG B 97 -6.22 -25.26 2.95
N GLN B 98 -5.77 -24.40 3.87
CA GLN B 98 -5.51 -24.86 5.23
C GLN B 98 -6.80 -25.31 5.91
N ARG B 99 -7.88 -24.56 5.69
CA ARG B 99 -9.19 -24.99 6.19
C ARG B 99 -9.56 -26.37 5.67
N GLU B 100 -9.27 -26.64 4.39
CA GLU B 100 -9.63 -27.93 3.82
C GLU B 100 -8.73 -29.05 4.35
N GLN B 101 -7.43 -28.79 4.47
CA GLN B 101 -6.53 -29.80 5.03
C GLN B 101 -6.93 -30.18 6.45
N ARG B 102 -7.33 -29.19 7.27
CA ARG B 102 -7.78 -29.50 8.62
C ARG B 102 -9.07 -30.32 8.60
N LEU B 103 -10.00 -29.97 7.71
CA LEU B 103 -11.24 -30.72 7.59
C LEU B 103 -10.96 -32.17 7.20
N LEU B 104 -10.01 -32.40 6.30
CA LEU B 104 -9.69 -33.75 5.87
C LEU B 104 -9.15 -34.59 7.03
N GLU B 105 -8.38 -33.97 7.92
CA GLU B 105 -7.84 -34.71 9.06
C GLU B 105 -8.95 -35.15 10.01
N SER B 106 -9.90 -34.26 10.30
CA SER B 106 -11.04 -34.63 11.13
C SER B 106 -11.78 -35.82 10.54
N TYR B 107 -12.01 -35.79 9.22
CA TYR B 107 -12.74 -36.86 8.57
C TYR B 107 -12.00 -38.19 8.68
N ARG B 108 -10.67 -38.16 8.48
CA ARG B 108 -9.87 -39.37 8.64
C ARG B 108 -9.89 -39.86 10.09
N ALA B 109 -9.72 -38.94 11.05
CA ALA B 109 -9.76 -39.30 12.46
C ALA B 109 -11.09 -39.91 12.89
N GLU B 110 -12.12 -39.84 12.05
CA GLU B 110 -13.42 -40.42 12.37
C GLU B 110 -13.70 -41.67 11.57
N GLY B 111 -12.75 -42.15 10.77
CA GLY B 111 -12.97 -43.34 9.97
C GLY B 111 -13.90 -43.15 8.79
N LYS B 112 -14.26 -41.92 8.46
CA LYS B 112 -15.20 -41.64 7.39
C LYS B 112 -14.54 -41.55 6.02
N LEU B 113 -13.28 -41.12 5.98
CA LEU B 113 -12.50 -41.06 4.76
C LEU B 113 -11.18 -41.78 4.97
N GLY B 114 -10.64 -42.32 3.89
CA GLY B 114 -9.33 -42.93 3.88
C GLY B 114 -8.29 -42.00 3.30
N GLU B 115 -7.33 -42.57 2.57
CA GLU B 115 -6.37 -41.77 1.83
C GLU B 115 -7.02 -41.29 0.54
N VAL B 116 -7.10 -39.98 0.37
CA VAL B 116 -7.69 -39.39 -0.82
C VAL B 116 -6.60 -38.64 -1.59
N GLN B 117 -6.81 -38.47 -2.88
CA GLN B 117 -5.87 -37.71 -3.70
C GLN B 117 -6.16 -36.22 -3.57
N CYS B 118 -5.11 -35.45 -3.27
CA CYS B 118 -5.22 -34.00 -3.18
C CYS B 118 -4.43 -33.36 -4.32
N ARG B 119 -4.98 -32.29 -4.88
CA ARG B 119 -4.29 -31.52 -5.91
C ARG B 119 -4.33 -30.06 -5.54
N LEU B 120 -3.17 -29.42 -5.60
CA LEU B 120 -2.99 -28.04 -5.15
C LEU B 120 -2.55 -27.21 -6.34
N MET B 121 -2.92 -25.94 -6.30
CA MET B 121 -2.47 -24.96 -7.26
C MET B 121 -1.04 -24.54 -6.95
N GLU B 122 -0.27 -24.24 -8.00
CA GLU B 122 1.00 -23.54 -7.84
C GLU B 122 0.76 -22.06 -7.60
N GLU B 123 1.82 -21.36 -7.22
CA GLU B 123 1.71 -19.91 -7.06
C GLU B 123 1.04 -19.33 -8.30
N PRO B 124 0.07 -18.44 -8.14
CA PRO B 124 -0.69 -17.97 -9.30
C PRO B 124 0.19 -17.18 -10.25
N PRO B 125 0.00 -17.34 -11.56
CA PRO B 125 0.73 -16.51 -12.52
C PRO B 125 0.29 -15.05 -12.45
N ASP B 126 1.06 -14.20 -13.14
CA ASP B 126 0.71 -12.78 -13.19
C ASP B 126 -0.61 -12.56 -13.92
N ARG B 127 -0.90 -13.35 -14.95
CA ARG B 127 -2.14 -13.19 -15.71
C ARG B 127 -3.00 -14.44 -15.47
N LEU B 128 -4.13 -14.26 -14.80
CA LEU B 128 -5.05 -15.36 -14.57
C LEU B 128 -5.83 -15.65 -15.85
N HIS B 129 -6.05 -16.93 -16.10
CA HIS B 129 -6.92 -17.35 -17.20
C HIS B 129 -8.35 -17.40 -16.68
N VAL B 130 -9.24 -16.60 -17.27
CA VAL B 130 -10.61 -16.43 -16.80
C VAL B 130 -11.55 -16.81 -17.93
N LEU B 131 -12.55 -17.61 -17.63
CA LEU B 131 -13.58 -17.95 -18.60
C LEU B 131 -14.86 -17.23 -18.17
N ASP B 132 -15.35 -16.31 -19.01
CA ASP B 132 -16.59 -15.59 -18.76
C ASP B 132 -17.65 -16.22 -19.65
N VAL B 133 -18.56 -16.99 -19.05
CA VAL B 133 -19.57 -17.74 -19.80
C VAL B 133 -20.89 -16.98 -19.75
N GLY B 134 -21.49 -16.75 -20.92
CA GLY B 134 -22.65 -15.88 -20.99
C GLY B 134 -22.23 -14.44 -20.79
N SER B 135 -21.09 -14.04 -21.38
CA SER B 135 -20.41 -12.78 -21.07
C SER B 135 -21.15 -11.57 -21.63
N CYS B 136 -21.86 -11.74 -22.76
CA CYS B 136 -22.58 -10.70 -23.47
C CYS B 136 -21.64 -9.67 -24.10
N PHE B 137 -20.88 -8.91 -23.27
CA PHE B 137 -20.06 -7.82 -23.81
C PHE B 137 -18.66 -7.77 -23.22
N ASN B 138 -18.21 -8.85 -22.57
CA ASN B 138 -16.83 -8.96 -22.07
C ASN B 138 -16.45 -7.85 -21.09
N PRO B 139 -17.24 -7.60 -20.03
CA PRO B 139 -16.85 -6.54 -19.08
C PRO B 139 -15.57 -6.81 -18.33
N PHE B 140 -15.15 -8.08 -18.21
CA PHE B 140 -13.96 -8.37 -17.41
C PHE B 140 -12.65 -8.19 -18.19
N SER B 141 -12.71 -7.92 -19.49
CA SER B 141 -11.53 -8.06 -20.35
C SER B 141 -10.43 -7.07 -19.97
N SER B 142 -10.79 -5.89 -19.49
CA SER B 142 -9.77 -4.88 -19.19
C SER B 142 -9.32 -4.91 -17.74
N ALA B 143 -9.82 -5.83 -16.92
CA ALA B 143 -9.45 -5.84 -15.51
C ALA B 143 -7.97 -6.23 -15.37
N PRO B 144 -7.24 -5.61 -14.44
CA PRO B 144 -5.80 -5.88 -14.34
C PRO B 144 -5.52 -7.36 -14.08
N HIS B 145 -4.61 -7.90 -14.89
CA HIS B 145 -4.07 -9.25 -14.74
C HIS B 145 -5.10 -10.36 -15.02
N LEU B 146 -6.22 -10.05 -15.66
CA LEU B 146 -7.15 -11.08 -16.12
C LEU B 146 -7.02 -11.26 -17.63
N GLU B 147 -6.68 -12.47 -18.06
CA GLU B 147 -6.74 -12.84 -19.46
C GLU B 147 -8.06 -13.57 -19.70
N VAL B 148 -9.03 -12.89 -20.31
CA VAL B 148 -10.40 -13.36 -20.32
C VAL B 148 -10.72 -14.03 -21.65
N THR B 149 -11.23 -15.26 -21.59
CA THR B 149 -11.91 -15.87 -22.72
C THR B 149 -13.41 -15.70 -22.49
N ALA B 150 -14.08 -14.99 -23.39
CA ALA B 150 -15.49 -14.63 -23.26
C ALA B 150 -16.29 -15.40 -24.28
N LEU B 151 -17.33 -16.09 -23.82
CA LEU B 151 -18.25 -16.86 -24.65
C LEU B 151 -19.67 -16.40 -24.38
N ASP B 152 -20.51 -16.47 -25.42
CA ASP B 152 -21.92 -16.17 -25.28
C ASP B 152 -22.71 -16.85 -26.39
N LEU B 153 -23.95 -17.22 -26.04
CA LEU B 153 -24.87 -17.77 -27.03
C LEU B 153 -25.16 -16.74 -28.12
N CYS B 154 -25.34 -15.48 -27.73
CA CYS B 154 -25.66 -14.39 -28.66
C CYS B 154 -24.76 -13.19 -28.38
N PRO B 155 -23.49 -13.22 -28.83
CA PRO B 155 -22.54 -12.18 -28.45
C PRO B 155 -23.03 -10.79 -28.86
N ALA B 156 -22.83 -9.83 -27.97
CA ALA B 156 -23.18 -8.44 -28.30
C ALA B 156 -21.99 -7.63 -28.80
N THR B 157 -20.76 -8.10 -28.59
CA THR B 157 -19.57 -7.39 -29.04
C THR B 157 -18.64 -8.36 -29.75
N GLU B 158 -17.77 -7.82 -30.62
CA GLU B 158 -16.97 -8.66 -31.49
C GLU B 158 -15.93 -9.50 -30.75
N ASP B 159 -15.58 -9.11 -29.53
CA ASP B 159 -14.56 -9.81 -28.76
C ASP B 159 -15.11 -10.94 -27.93
N VAL B 160 -16.38 -11.29 -28.10
CA VAL B 160 -17.00 -12.39 -27.37
C VAL B 160 -17.23 -13.52 -28.37
N LEU B 161 -16.68 -14.70 -28.10
CA LEU B 161 -16.86 -15.84 -28.99
C LEU B 161 -18.28 -16.37 -28.89
N GLN B 162 -18.79 -16.90 -29.99
CA GLN B 162 -20.12 -17.52 -29.99
C GLN B 162 -20.02 -18.95 -29.49
N ALA B 163 -20.90 -19.33 -28.57
CA ALA B 163 -20.97 -20.73 -28.13
C ALA B 163 -22.25 -20.97 -27.36
N ASP B 164 -22.82 -22.14 -27.55
CA ASP B 164 -23.79 -22.67 -26.61
C ASP B 164 -23.00 -23.51 -25.60
N PHE B 165 -22.88 -23.00 -24.38
CA PHE B 165 -22.02 -23.65 -23.39
C PHE B 165 -22.47 -25.09 -23.08
N LEU B 166 -23.76 -25.36 -23.20
CA LEU B 166 -24.24 -26.73 -22.99
C LEU B 166 -23.69 -27.70 -24.03
N LYS B 167 -23.17 -27.19 -25.13
CA LYS B 167 -22.66 -28.04 -26.20
C LYS B 167 -21.14 -28.05 -26.26
N VAL B 168 -20.47 -27.50 -25.25
CA VAL B 168 -19.01 -27.43 -25.24
C VAL B 168 -18.45 -28.69 -24.57
N GLU B 169 -17.44 -29.29 -25.19
CA GLU B 169 -16.68 -30.37 -24.59
C GLU B 169 -15.45 -29.80 -23.88
N VAL B 170 -15.12 -30.37 -22.72
CA VAL B 170 -13.92 -29.99 -21.99
C VAL B 170 -12.86 -31.02 -22.32
N VAL B 171 -11.76 -30.57 -22.92
CA VAL B 171 -10.79 -31.49 -23.52
C VAL B 171 -9.44 -31.30 -22.82
N PRO B 172 -8.85 -32.36 -22.28
CA PRO B 172 -7.48 -32.23 -21.76
C PRO B 172 -6.45 -32.31 -22.89
N GLY B 173 -5.29 -31.72 -22.63
CA GLY B 173 -4.20 -31.77 -23.59
C GLY B 173 -4.25 -30.72 -24.67
N ILE B 174 -5.18 -29.75 -24.60
CA ILE B 174 -5.16 -28.59 -25.47
C ILE B 174 -4.98 -27.35 -24.60
N ARG B 175 -4.76 -26.20 -25.25
CA ARG B 175 -4.52 -24.97 -24.51
C ARG B 175 -5.39 -23.78 -24.93
N GLU B 176 -6.21 -23.91 -25.96
CA GLU B 176 -7.04 -22.78 -26.39
C GLU B 176 -8.37 -23.32 -26.89
N PRO B 177 -9.38 -22.46 -26.99
CA PRO B 177 -10.67 -22.90 -27.55
C PRO B 177 -10.50 -23.44 -28.96
N GLU B 178 -11.36 -24.39 -29.32
CA GLU B 178 -11.42 -24.90 -30.69
C GLU B 178 -12.81 -24.65 -31.26
N LEU B 179 -12.85 -23.98 -32.42
CA LEU B 179 -14.10 -23.56 -33.04
C LEU B 179 -14.41 -24.42 -34.25
N GLU B 180 -15.70 -24.61 -34.51
CA GLU B 180 -16.19 -25.16 -35.76
C GLU B 180 -17.38 -24.33 -36.23
N GLU B 181 -17.32 -23.86 -37.47
CA GLU B 181 -18.34 -22.96 -38.03
C GLU B 181 -18.49 -21.70 -37.17
N GLY B 182 -17.38 -21.21 -36.61
CA GLY B 182 -17.45 -19.99 -35.84
C GLY B 182 -18.11 -20.13 -34.49
N SER B 183 -18.22 -21.34 -33.99
CA SER B 183 -18.79 -21.58 -32.66
C SER B 183 -17.82 -22.43 -31.85
N VAL B 184 -17.59 -22.03 -30.58
CA VAL B 184 -16.70 -22.79 -29.71
C VAL B 184 -17.30 -24.18 -29.46
N ARG B 185 -16.52 -25.22 -29.75
N ARG B 185 -16.53 -25.21 -29.80
CA ARG B 185 -16.96 -26.57 -29.47
CA ARG B 185 -16.90 -26.60 -29.57
C ARG B 185 -16.14 -27.27 -28.39
C ARG B 185 -16.15 -27.24 -28.41
N ARG B 186 -14.90 -26.84 -28.17
CA ARG B 186 -14.03 -27.48 -27.20
C ARG B 186 -13.23 -26.42 -26.47
N LEU B 187 -13.09 -26.61 -25.15
CA LEU B 187 -12.31 -25.77 -24.26
C LEU B 187 -11.27 -26.59 -23.51
N PRO B 188 -10.12 -26.01 -23.16
CA PRO B 188 -9.08 -26.79 -22.47
C PRO B 188 -9.49 -27.15 -21.06
N ALA B 189 -9.34 -28.43 -20.72
CA ALA B 189 -9.60 -28.94 -19.38
C ALA B 189 -8.58 -28.40 -18.39
N SER B 190 -9.04 -28.22 -17.15
CA SER B 190 -8.18 -27.88 -16.01
C SER B 190 -7.20 -26.78 -16.38
N HIS B 191 -7.75 -25.65 -16.82
CA HIS B 191 -6.95 -24.61 -17.47
C HIS B 191 -7.17 -23.21 -16.90
N TYR B 192 -8.33 -22.97 -16.31
CA TYR B 192 -8.72 -21.64 -15.88
C TYR B 192 -8.62 -21.48 -14.36
N GLU B 193 -8.05 -20.35 -13.93
CA GLU B 193 -8.07 -20.05 -12.50
C GLU B 193 -9.46 -19.63 -12.04
N CYS B 194 -10.27 -19.12 -12.97
CA CYS B 194 -11.59 -18.62 -12.65
C CYS B 194 -12.54 -18.84 -13.81
N VAL B 195 -13.76 -19.28 -13.50
CA VAL B 195 -14.88 -19.36 -14.43
C VAL B 195 -15.98 -18.48 -13.86
N ILE B 196 -16.57 -17.63 -14.69
CA ILE B 196 -17.59 -16.69 -14.26
C ILE B 196 -18.93 -17.04 -14.91
N PHE B 197 -19.95 -17.26 -14.07
CA PHE B 197 -21.34 -17.40 -14.48
C PHE B 197 -22.07 -16.19 -13.90
N SER B 198 -22.03 -15.07 -14.60
CA SER B 198 -22.68 -13.85 -14.13
C SER B 198 -24.06 -13.76 -14.77
N LEU B 199 -25.09 -14.18 -14.03
CA LEU B 199 -26.49 -14.09 -14.46
C LEU B 199 -26.74 -15.00 -15.66
N LEU B 200 -26.07 -16.15 -15.66
CA LEU B 200 -26.17 -17.14 -16.73
C LEU B 200 -27.20 -18.21 -16.44
N LEU B 201 -27.20 -18.77 -15.21
CA LEU B 201 -27.87 -20.06 -15.00
C LEU B 201 -29.38 -19.95 -15.09
N GLU B 202 -29.95 -18.78 -14.80
CA GLU B 202 -31.38 -18.62 -14.94
C GLU B 202 -31.85 -18.74 -16.39
N TYR B 203 -30.93 -18.75 -17.35
CA TYR B 203 -31.34 -18.97 -18.75
C TYR B 203 -31.30 -20.45 -19.13
N MET B 204 -30.67 -21.30 -18.33
CA MET B 204 -30.74 -22.74 -18.56
C MET B 204 -32.16 -23.23 -18.33
N PRO B 205 -32.72 -24.02 -19.25
CA PRO B 205 -34.12 -24.44 -19.11
C PRO B 205 -34.42 -25.31 -17.90
N SER B 206 -33.49 -26.15 -17.46
CA SER B 206 -33.78 -27.15 -16.43
C SER B 206 -32.74 -27.11 -15.32
N ALA B 207 -33.14 -27.66 -14.17
CA ALA B 207 -32.21 -27.80 -13.05
C ALA B 207 -31.02 -28.67 -13.41
N GLU B 208 -31.22 -29.70 -14.25
CA GLU B 208 -30.12 -30.58 -14.60
C GLU B 208 -29.14 -29.89 -15.54
N GLN B 209 -29.63 -28.99 -16.40
CA GLN B 209 -28.71 -28.25 -17.26
C GLN B 209 -27.95 -27.19 -16.49
N ARG B 210 -28.56 -26.62 -15.45
CA ARG B 210 -27.81 -25.74 -14.55
C ARG B 210 -26.67 -26.50 -13.89
N LEU B 211 -26.94 -27.72 -13.41
CA LEU B 211 -25.87 -28.52 -12.83
C LEU B 211 -24.84 -28.89 -13.89
N GLN B 212 -25.29 -29.23 -15.10
CA GLN B 212 -24.35 -29.51 -16.19
C GLN B 212 -23.36 -28.37 -16.38
N CYS B 213 -23.83 -27.12 -16.29
CA CYS B 213 -22.92 -25.99 -16.45
C CYS B 213 -21.84 -26.00 -15.35
N CYS B 214 -22.24 -26.31 -14.12
CA CYS B 214 -21.26 -26.29 -13.03
C CYS B 214 -20.32 -27.49 -13.10
N LEU B 215 -20.79 -28.64 -13.60
CA LEU B 215 -19.90 -29.79 -13.81
C LEU B 215 -18.84 -29.45 -14.84
N GLN B 216 -19.24 -28.81 -15.95
CA GLN B 216 -18.28 -28.37 -16.95
C GLN B 216 -17.31 -27.35 -16.35
N ALA B 217 -17.82 -26.39 -15.59
CA ALA B 217 -16.95 -25.44 -14.90
C ALA B 217 -15.91 -26.18 -14.06
N TYR B 218 -16.34 -27.18 -13.29
CA TYR B 218 -15.39 -27.95 -12.48
C TYR B 218 -14.27 -28.55 -13.33
N ASP B 219 -14.60 -29.12 -14.48
CA ASP B 219 -13.57 -29.72 -15.33
C ASP B 219 -12.67 -28.67 -15.99
N LEU B 220 -13.18 -27.46 -16.15
CA LEU B 220 -12.41 -26.36 -16.73
C LEU B 220 -11.43 -25.78 -15.73
N LEU B 221 -11.76 -25.83 -14.43
CA LEU B 221 -10.97 -25.17 -13.41
C LEU B 221 -9.68 -25.92 -13.09
N LEU B 222 -8.60 -25.15 -12.88
CA LEU B 222 -7.41 -25.63 -12.23
C LEU B 222 -7.73 -26.03 -10.79
N PRO B 223 -6.92 -26.94 -10.20
CA PRO B 223 -6.98 -27.15 -8.74
C PRO B 223 -7.06 -25.83 -7.99
N GLU B 224 -7.98 -25.76 -7.02
CA GLU B 224 -8.20 -24.61 -6.17
C GLU B 224 -8.69 -23.37 -6.93
N GLY B 225 -9.07 -23.51 -8.20
CA GLY B 225 -9.69 -22.41 -8.92
C GLY B 225 -11.10 -22.13 -8.41
N ILE B 226 -11.67 -21.01 -8.86
CA ILE B 226 -12.94 -20.56 -8.28
C ILE B 226 -13.98 -20.38 -9.37
N LEU B 227 -15.19 -20.84 -9.08
CA LEU B 227 -16.38 -20.58 -9.90
C LEU B 227 -17.11 -19.40 -9.27
N VAL B 228 -17.19 -18.29 -10.01
CA VAL B 228 -17.91 -17.10 -9.55
C VAL B 228 -19.32 -17.17 -10.08
N LEU B 229 -20.30 -17.09 -9.19
CA LEU B 229 -21.70 -17.33 -9.54
C LEU B 229 -22.53 -16.15 -9.06
N ILE B 230 -23.05 -15.35 -10.00
CA ILE B 230 -23.91 -14.22 -9.69
C ILE B 230 -25.31 -14.52 -10.19
N THR B 231 -26.31 -14.36 -9.33
CA THR B 231 -27.66 -14.77 -9.65
C THR B 231 -28.66 -13.72 -9.18
N PRO B 232 -29.78 -13.56 -9.88
CA PRO B 232 -30.78 -12.58 -9.44
C PRO B 232 -31.53 -13.08 -8.22
N ASP B 233 -32.17 -12.14 -7.53
CA ASP B 233 -33.33 -12.49 -6.72
C ASP B 233 -34.53 -11.80 -7.33
N ALA B 241 -33.02 -18.83 0.63
CA ALA B 241 -32.21 -19.26 1.77
C ALA B 241 -31.99 -20.77 1.73
N HIS B 242 -33.08 -21.55 1.89
CA HIS B 242 -32.98 -22.99 1.71
C HIS B 242 -32.44 -23.33 0.31
N LEU B 243 -32.79 -22.53 -0.69
CA LEU B 243 -32.30 -22.76 -2.04
C LEU B 243 -30.78 -22.60 -2.11
N MET B 244 -30.24 -21.58 -1.44
CA MET B 244 -28.79 -21.40 -1.43
C MET B 244 -28.09 -22.52 -0.66
N LYS B 245 -28.72 -23.06 0.38
CA LYS B 245 -28.18 -24.23 1.06
C LYS B 245 -28.17 -25.45 0.16
N ASN B 246 -29.22 -25.64 -0.65
CA ASN B 246 -29.25 -26.74 -1.60
C ASN B 246 -28.18 -26.55 -2.68
N TRP B 247 -28.06 -25.34 -3.21
CA TRP B 247 -26.95 -25.06 -4.13
C TRP B 247 -25.62 -25.41 -3.49
N ARG B 248 -25.46 -25.03 -2.22
CA ARG B 248 -24.24 -25.35 -1.51
C ARG B 248 -24.04 -26.87 -1.43
N TYR B 249 -25.11 -27.60 -1.07
CA TYR B 249 -25.00 -29.05 -1.05
C TYR B 249 -24.76 -29.63 -2.44
N SER B 250 -25.50 -29.13 -3.44
CA SER B 250 -25.39 -29.73 -4.77
C SER B 250 -24.00 -29.53 -5.36
N LEU B 251 -23.41 -28.35 -5.14
CA LEU B 251 -22.10 -28.10 -5.75
C LEU B 251 -21.01 -28.84 -4.98
N ALA B 252 -21.13 -28.94 -3.66
CA ALA B 252 -20.16 -29.72 -2.90
C ALA B 252 -20.19 -31.20 -3.30
N ARG B 253 -21.37 -31.70 -3.68
CA ARG B 253 -21.47 -33.07 -4.21
C ARG B 253 -20.52 -33.28 -5.39
N ILE B 254 -20.26 -32.23 -6.17
CA ILE B 254 -19.47 -32.39 -7.39
C ILE B 254 -18.07 -31.79 -7.24
N GLY B 255 -17.69 -31.39 -6.03
CA GLY B 255 -16.32 -31.00 -5.77
C GLY B 255 -16.09 -29.53 -5.53
N LEU B 256 -17.14 -28.70 -5.53
CA LEU B 256 -17.05 -27.26 -5.33
C LEU B 256 -17.59 -26.86 -3.96
N LEU B 257 -16.74 -26.29 -3.13
CA LEU B 257 -17.13 -25.76 -1.83
C LEU B 257 -17.29 -24.25 -1.90
N ARG B 258 -18.38 -23.73 -1.32
CA ARG B 258 -18.60 -22.29 -1.32
C ARG B 258 -17.62 -21.58 -0.39
N VAL B 259 -16.96 -20.53 -0.90
CA VAL B 259 -16.03 -19.75 -0.07
C VAL B 259 -16.51 -18.31 0.17
N ARG B 260 -17.52 -17.84 -0.52
CA ARG B 260 -18.01 -16.49 -0.28
C ARG B 260 -19.47 -16.42 -0.73
N PHE B 261 -20.27 -15.71 0.06
CA PHE B 261 -21.65 -15.36 -0.29
C PHE B 261 -21.86 -13.92 0.16
N GLU B 262 -22.16 -13.02 -0.78
CA GLU B 262 -22.48 -11.64 -0.45
C GLU B 262 -23.77 -11.26 -1.16
N LYS B 263 -24.51 -10.35 -0.56
CA LYS B 263 -25.70 -9.81 -1.20
C LYS B 263 -25.38 -8.42 -1.70
N LEU B 264 -25.69 -8.18 -2.96
CA LEU B 264 -25.63 -6.86 -3.56
C LEU B 264 -27.05 -6.48 -3.94
N PRO B 265 -27.34 -5.24 -4.31
CA PRO B 265 -28.71 -4.89 -4.74
C PRO B 265 -29.20 -5.78 -5.87
N HIS B 266 -30.32 -6.47 -5.61
CA HIS B 266 -31.08 -7.29 -6.57
C HIS B 266 -30.37 -8.57 -7.01
N ILE B 267 -29.21 -8.90 -6.42
CA ILE B 267 -28.45 -10.07 -6.84
C ILE B 267 -27.80 -10.73 -5.63
N SER B 268 -27.42 -12.00 -5.83
CA SER B 268 -26.62 -12.75 -4.88
C SER B 268 -25.29 -13.07 -5.55
N CYS B 269 -24.19 -12.83 -4.83
CA CYS B 269 -22.84 -13.06 -5.35
C CYS B 269 -22.18 -14.21 -4.59
N MET B 270 -21.82 -15.28 -5.30
CA MET B 270 -21.27 -16.48 -4.68
C MET B 270 -19.98 -16.90 -5.37
N VAL B 271 -19.07 -17.46 -4.59
CA VAL B 271 -17.83 -18.02 -5.13
C VAL B 271 -17.72 -19.45 -4.63
N PHE B 272 -17.49 -20.38 -5.55
CA PHE B 272 -17.31 -21.79 -5.23
C PHE B 272 -15.91 -22.21 -5.66
N ARG B 273 -15.21 -22.89 -4.77
CA ARG B 273 -13.82 -23.24 -4.95
C ARG B 273 -13.69 -24.72 -5.29
N LYS B 274 -12.82 -25.02 -6.26
CA LYS B 274 -12.46 -26.39 -6.55
C LYS B 274 -11.61 -26.97 -5.42
N ALA B 275 -12.25 -27.64 -4.46
CA ALA B 275 -11.55 -28.12 -3.25
C ALA B 275 -10.34 -28.99 -3.59
N ILE B 276 -9.41 -29.11 -2.63
CA ILE B 276 -8.18 -29.85 -2.85
C ILE B 276 -8.47 -31.32 -3.13
N SER B 277 -9.64 -31.81 -2.73
CA SER B 277 -10.05 -33.19 -3.00
C SER B 277 -11.55 -33.25 -3.29
N ARG B 278 -11.92 -33.83 -4.42
CA ARG B 278 -13.35 -33.99 -4.69
C ARG B 278 -13.99 -34.89 -3.65
N GLU B 279 -13.31 -35.98 -3.26
CA GLU B 279 -13.88 -36.87 -2.26
C GLU B 279 -14.10 -36.13 -0.94
N LEU B 280 -13.18 -35.20 -0.62
CA LEU B 280 -13.37 -34.36 0.56
C LEU B 280 -14.66 -33.55 0.47
N SER B 281 -14.83 -32.82 -0.63
CA SER B 281 -16.02 -32.01 -0.83
C SER B 281 -17.28 -32.88 -0.81
N GLN B 282 -17.23 -34.04 -1.46
CA GLN B 282 -18.35 -34.98 -1.44
C GLN B 282 -18.74 -35.38 -0.03
N HIS B 283 -17.76 -35.67 0.83
CA HIS B 283 -18.10 -36.12 2.17
C HIS B 283 -18.70 -34.99 2.99
N TRP B 284 -18.13 -33.78 2.88
CA TRP B 284 -18.75 -32.60 3.45
C TRP B 284 -20.20 -32.50 3.02
N ALA B 285 -20.44 -32.69 1.72
CA ALA B 285 -21.81 -32.64 1.22
C ALA B 285 -22.70 -33.67 1.91
N SER B 286 -22.18 -34.90 2.09
CA SER B 286 -23.02 -35.96 2.66
C SER B 286 -23.35 -35.66 4.12
N ILE B 287 -22.43 -35.01 4.84
CA ILE B 287 -22.67 -34.64 6.23
C ILE B 287 -23.75 -33.57 6.32
N HIS B 288 -23.81 -32.67 5.33
CA HIS B 288 -24.64 -31.49 5.41
C HIS B 288 -25.90 -31.58 4.55
N ARG B 289 -26.19 -32.74 3.96
CA ARG B 289 -27.42 -32.92 3.21
C ARG B 289 -28.61 -32.88 4.17
N GLU B 290 -29.53 -31.95 3.93
CA GLU B 290 -30.75 -31.86 4.71
C GLU B 290 -31.87 -32.59 4.00
N GLU B 291 -32.83 -33.09 4.78
CA GLU B 291 -33.92 -33.89 4.22
C GLU B 291 -34.68 -33.09 3.17
N GLY B 292 -34.73 -33.62 1.95
CA GLY B 292 -35.55 -33.07 0.90
C GLY B 292 -34.84 -32.23 -0.14
N MET B 293 -33.51 -32.14 -0.09
CA MET B 293 -32.80 -31.34 -1.07
C MET B 293 -32.23 -32.22 -2.18
N CYS B 294 -32.48 -31.80 -3.42
CA CYS B 294 -32.09 -32.52 -4.62
C CYS B 294 -30.60 -32.32 -4.92
N GLU B 295 -30.11 -33.01 -5.95
CA GLU B 295 -28.72 -32.85 -6.37
C GLU B 295 -28.54 -31.84 -7.50
N GLU B 296 -29.61 -31.46 -8.20
CA GLU B 296 -29.51 -30.45 -9.23
C GLU B 296 -29.50 -29.06 -8.59
N ILE B 297 -29.46 -27.99 -9.40
CA ILE B 297 -29.56 -26.66 -8.82
C ILE B 297 -30.78 -25.95 -9.44
N ARG B 298 -31.75 -25.69 -8.60
CA ARG B 298 -33.06 -25.21 -9.05
C ARG B 298 -33.16 -23.72 -8.80
N ILE B 299 -34.15 -23.12 -9.45
CA ILE B 299 -34.45 -21.70 -9.30
C ILE B 299 -35.92 -21.58 -8.96
N PRO B 300 -36.37 -20.49 -8.29
CA PRO B 300 -37.77 -20.23 -7.92
C PRO B 300 -38.80 -20.67 -8.95
N GLU C 69 18.72 -15.54 18.49
CA GLU C 69 18.72 -16.10 19.84
C GLU C 69 17.46 -16.91 20.11
N LEU C 70 16.31 -16.36 19.74
CA LEU C 70 15.08 -17.14 19.79
C LEU C 70 15.17 -18.31 18.81
N GLN C 71 14.64 -19.47 19.21
CA GLN C 71 14.65 -20.65 18.34
C GLN C 71 13.79 -20.39 17.11
N ALA C 72 14.19 -20.98 15.98
CA ALA C 72 13.68 -20.53 14.67
C ALA C 72 12.22 -20.88 14.47
N ARG C 73 11.79 -22.10 14.84
CA ARG C 73 10.42 -22.53 14.53
C ARG C 73 9.53 -22.74 15.76
N SER C 74 9.52 -21.79 16.67
CA SER C 74 8.90 -21.95 17.99
C SER C 74 7.54 -21.26 18.07
N ARG C 75 6.84 -21.53 19.17
CA ARG C 75 5.62 -20.78 19.48
C ARG C 75 5.88 -19.28 19.55
N ILE C 76 7.09 -18.87 19.94
CA ILE C 76 7.38 -17.44 20.04
C ILE C 76 7.43 -16.81 18.66
N LYS C 77 8.20 -17.40 17.75
CA LYS C 77 8.28 -16.91 16.37
C LYS C 77 6.93 -16.99 15.67
N TRP C 78 6.21 -18.09 15.87
CA TRP C 78 4.87 -18.21 15.30
C TRP C 78 4.00 -17.01 15.68
N ALA C 79 4.00 -16.65 16.96
CA ALA C 79 3.11 -15.62 17.45
C ALA C 79 3.58 -14.24 16.99
N ILE C 80 4.88 -13.98 17.05
CA ILE C 80 5.40 -12.73 16.50
C ILE C 80 4.98 -12.61 15.04
N ASP C 81 5.10 -13.70 14.28
CA ASP C 81 4.75 -13.69 12.86
C ASP C 81 3.28 -13.37 12.65
N TYR C 82 2.40 -14.07 13.37
CA TYR C 82 0.97 -13.85 13.15
C TYR C 82 0.58 -12.43 13.52
N ILE C 83 1.08 -11.92 14.66
CA ILE C 83 0.74 -10.58 15.08
C ILE C 83 1.10 -9.57 14.01
N THR C 84 2.27 -9.75 13.39
CA THR C 84 2.70 -8.82 12.35
C THR C 84 1.77 -8.87 11.14
N LYS C 85 1.35 -10.07 10.75
CA LYS C 85 0.41 -10.23 9.64
C LYS C 85 -0.96 -9.64 9.99
N TYR C 86 -1.40 -9.86 11.24
CA TYR C 86 -2.73 -9.44 11.65
C TYR C 86 -2.87 -7.92 11.59
N PHE C 87 -1.86 -7.19 12.06
CA PHE C 87 -1.98 -5.74 12.14
C PHE C 87 -1.32 -4.99 10.98
N PHE C 88 -0.25 -5.52 10.36
CA PHE C 88 0.57 -4.74 9.44
C PHE C 88 0.68 -5.37 8.05
N THR C 89 1.31 -6.53 7.90
CA THR C 89 1.74 -6.93 6.56
C THR C 89 0.61 -7.52 5.73
N GLU C 90 -0.38 -8.14 6.36
CA GLU C 90 -1.54 -8.66 5.64
C GLU C 90 -2.83 -7.95 5.98
N GLY C 91 -2.86 -7.16 7.05
CA GLY C 91 -4.09 -6.51 7.50
C GLY C 91 -5.22 -7.48 7.73
N ILE C 92 -4.93 -8.62 8.36
CA ILE C 92 -5.98 -9.61 8.63
C ILE C 92 -7.08 -8.98 9.49
N TYR C 93 -6.75 -8.00 10.34
CA TYR C 93 -7.81 -7.45 11.20
C TYR C 93 -8.88 -6.77 10.36
N LEU C 94 -8.51 -6.24 9.18
CA LEU C 94 -9.49 -5.64 8.29
C LEU C 94 -10.23 -6.71 7.48
N GLN C 95 -9.58 -7.84 7.20
CA GLN C 95 -10.27 -8.95 6.56
C GLN C 95 -11.31 -9.54 7.48
N LYS C 96 -10.97 -9.69 8.77
CA LYS C 96 -11.91 -10.26 9.73
C LYS C 96 -13.03 -9.28 10.05
N ARG C 97 -12.74 -7.98 9.98
CA ARG C 97 -13.78 -6.99 10.13
C ARG C 97 -14.84 -7.16 9.05
N GLN C 98 -14.43 -7.26 7.79
CA GLN C 98 -15.38 -7.49 6.70
C GLN C 98 -16.12 -8.80 6.88
N ARG C 99 -15.41 -9.85 7.29
CA ARG C 99 -16.06 -11.12 7.55
C ARG C 99 -17.17 -10.96 8.60
N GLU C 100 -16.87 -10.24 9.70
CA GLU C 100 -17.86 -10.04 10.76
C GLU C 100 -18.99 -9.12 10.31
N GLN C 101 -18.67 -8.11 9.52
CA GLN C 101 -19.74 -7.26 9.00
C GLN C 101 -20.69 -8.04 8.09
N ARG C 102 -20.16 -8.93 7.24
CA ARG C 102 -21.03 -9.77 6.43
C ARG C 102 -21.88 -10.67 7.30
N LEU C 103 -21.27 -11.23 8.35
CA LEU C 103 -22.00 -12.10 9.27
C LEU C 103 -23.14 -11.34 9.93
N LEU C 104 -22.87 -10.12 10.39
CA LEU C 104 -23.90 -9.31 11.05
C LEU C 104 -25.06 -9.02 10.10
N GLU C 105 -24.74 -8.61 8.87
CA GLU C 105 -25.79 -8.40 7.87
C GLU C 105 -26.62 -9.67 7.65
N SER C 106 -25.95 -10.82 7.65
CA SER C 106 -26.64 -12.10 7.55
C SER C 106 -27.66 -12.27 8.67
N TYR C 107 -27.25 -11.98 9.91
CA TYR C 107 -28.16 -12.10 11.05
C TYR C 107 -29.26 -11.05 10.98
N ARG C 108 -28.92 -9.82 10.58
CA ARG C 108 -29.93 -8.77 10.47
C ARG C 108 -30.99 -9.11 9.43
N ALA C 109 -30.58 -9.70 8.31
CA ALA C 109 -31.53 -10.07 7.25
C ALA C 109 -32.54 -11.10 7.75
N GLU C 110 -32.16 -11.89 8.75
CA GLU C 110 -33.10 -12.78 9.42
C GLU C 110 -33.83 -12.11 10.56
N GLY C 111 -33.66 -10.80 10.74
CA GLY C 111 -34.33 -10.11 11.81
C GLY C 111 -33.70 -10.31 13.17
N LYS C 112 -32.37 -10.28 13.25
CA LYS C 112 -31.71 -10.33 14.56
C LYS C 112 -30.59 -9.29 14.57
N LEU C 113 -30.26 -8.83 15.76
CA LEU C 113 -29.11 -7.94 15.97
C LEU C 113 -29.25 -6.64 15.18
N GLY C 114 -30.48 -6.18 14.98
CA GLY C 114 -30.71 -5.04 14.10
C GLY C 114 -29.91 -3.81 14.48
N GLU C 115 -29.78 -3.53 15.78
CA GLU C 115 -29.18 -2.26 16.20
C GLU C 115 -28.02 -2.47 17.16
N VAL C 116 -27.19 -3.49 16.94
CA VAL C 116 -26.05 -3.68 17.83
C VAL C 116 -25.00 -2.61 17.53
N GLN C 117 -24.27 -2.21 18.56
CA GLN C 117 -23.19 -1.25 18.42
C GLN C 117 -21.88 -1.98 18.11
N CYS C 118 -21.25 -1.60 17.02
CA CYS C 118 -19.93 -2.10 16.66
C CYS C 118 -18.86 -1.12 17.12
N ARG C 119 -17.69 -1.63 17.46
CA ARG C 119 -16.56 -0.83 17.89
C ARG C 119 -15.33 -1.27 17.11
N LEU C 120 -14.71 -0.32 16.41
CA LEU C 120 -13.62 -0.63 15.50
C LEU C 120 -12.31 -0.07 16.02
N MET C 121 -11.22 -0.74 15.68
CA MET C 121 -9.89 -0.21 15.98
C MET C 121 -9.50 0.82 14.95
N GLU C 122 -8.93 1.94 15.41
CA GLU C 122 -8.22 2.81 14.48
C GLU C 122 -6.93 2.15 14.01
N GLU C 123 -6.33 2.72 12.98
CA GLU C 123 -5.12 2.19 12.38
C GLU C 123 -4.05 1.96 13.45
N PRO C 124 -3.54 0.73 13.59
CA PRO C 124 -2.64 0.45 14.72
C PRO C 124 -1.33 1.20 14.56
N PRO C 125 -0.73 1.62 15.67
CA PRO C 125 0.58 2.28 15.59
C PRO C 125 1.66 1.27 15.23
N ASP C 126 2.83 1.77 14.84
CA ASP C 126 3.94 0.87 14.51
C ASP C 126 4.41 0.07 15.72
N ARG C 127 4.28 0.60 16.93
CA ARG C 127 4.63 -0.12 18.16
C ARG C 127 3.33 -0.50 18.87
N LEU C 128 3.03 -1.80 18.89
CA LEU C 128 1.81 -2.31 19.52
C LEU C 128 2.01 -2.50 21.03
N HIS C 129 0.97 -2.14 21.79
CA HIS C 129 0.92 -2.48 23.20
C HIS C 129 0.52 -3.95 23.35
N VAL C 130 1.42 -4.75 23.92
CA VAL C 130 1.23 -6.19 24.06
C VAL C 130 1.38 -6.55 25.54
N LEU C 131 0.43 -7.29 26.06
CA LEU C 131 0.46 -7.77 27.44
C LEU C 131 0.76 -9.26 27.41
N ASP C 132 1.92 -9.65 27.94
CA ASP C 132 2.35 -11.04 27.94
C ASP C 132 2.15 -11.56 29.36
N VAL C 133 1.20 -12.47 29.53
CA VAL C 133 0.77 -12.93 30.84
C VAL C 133 1.35 -14.33 31.09
N GLY C 134 2.06 -14.49 32.21
CA GLY C 134 2.80 -15.74 32.38
C GLY C 134 4.04 -15.72 31.51
N SER C 135 4.68 -14.56 31.40
CA SER C 135 5.74 -14.33 30.43
C SER C 135 6.99 -15.13 30.75
N CYS C 136 7.26 -15.37 32.04
CA CYS C 136 8.48 -16.00 32.54
C CYS C 136 9.72 -15.14 32.29
N PHE C 137 10.13 -14.98 31.02
CA PHE C 137 11.38 -14.31 30.69
C PHE C 137 11.24 -13.27 29.58
N ASN C 138 10.02 -12.84 29.26
CA ASN C 138 9.76 -11.75 28.30
C ASN C 138 10.37 -11.98 26.92
N PRO C 139 10.17 -13.16 26.32
CA PRO C 139 10.74 -13.39 24.98
C PRO C 139 10.18 -12.48 23.89
N PHE C 140 8.97 -11.95 24.05
CA PHE C 140 8.40 -11.17 22.96
C PHE C 140 8.98 -9.76 22.87
N SER C 141 9.69 -9.30 23.91
CA SER C 141 10.35 -8.00 23.82
C SER C 141 11.46 -7.97 22.77
N SER C 142 11.83 -9.12 22.20
CA SER C 142 12.83 -9.13 21.13
C SER C 142 12.25 -8.74 19.77
N ALA C 143 10.93 -8.58 19.66
CA ALA C 143 10.31 -8.18 18.41
C ALA C 143 10.11 -6.66 18.38
N PRO C 144 10.70 -5.95 17.41
CA PRO C 144 10.66 -4.47 17.44
C PRO C 144 9.27 -3.86 17.44
N HIS C 145 8.27 -4.51 16.83
CA HIS C 145 6.91 -4.00 16.75
C HIS C 145 6.16 -4.10 18.06
N LEU C 146 6.66 -4.87 19.02
CA LEU C 146 5.90 -5.28 20.19
C LEU C 146 6.44 -4.54 21.40
N GLU C 147 5.65 -3.63 21.95
CA GLU C 147 5.99 -2.94 23.19
C GLU C 147 5.32 -3.72 24.32
N VAL C 148 6.08 -4.56 25.00
CA VAL C 148 5.52 -5.62 25.83
C VAL C 148 5.51 -5.20 27.29
N THR C 149 4.35 -5.35 27.93
CA THR C 149 4.23 -5.34 29.37
C THR C 149 4.12 -6.81 29.77
N ALA C 150 5.13 -7.33 30.49
CA ALA C 150 5.22 -8.76 30.80
C ALA C 150 4.93 -8.99 32.28
N LEU C 151 4.04 -9.95 32.56
CA LEU C 151 3.63 -10.27 33.93
C LEU C 151 3.86 -11.73 34.23
N ASP C 152 4.19 -12.05 35.49
CA ASP C 152 4.36 -13.45 35.84
C ASP C 152 4.24 -13.62 37.34
N LEU C 153 3.66 -14.74 37.74
CA LEU C 153 3.57 -15.08 39.16
C LEU C 153 4.96 -15.18 39.81
N CYS C 154 5.93 -15.74 39.08
CA CYS C 154 7.31 -15.91 39.56
C CYS C 154 8.28 -15.50 38.46
N PRO C 155 8.51 -14.20 38.29
CA PRO C 155 9.33 -13.75 37.15
C PRO C 155 10.73 -14.32 37.19
N ALA C 156 11.22 -14.73 36.00
CA ALA C 156 12.59 -15.23 35.89
C ALA C 156 13.58 -14.13 35.55
N THR C 157 13.13 -13.05 34.93
CA THR C 157 14.05 -12.01 34.51
C THR C 157 13.55 -10.67 35.04
N GLU C 158 14.47 -9.72 35.13
CA GLU C 158 14.21 -8.44 35.79
C GLU C 158 13.19 -7.59 35.06
N ASP C 159 12.99 -7.82 33.77
CA ASP C 159 12.05 -7.03 32.99
C ASP C 159 10.64 -7.61 33.01
N VAL C 160 10.35 -8.55 33.90
CA VAL C 160 9.01 -9.10 34.03
C VAL C 160 8.44 -8.66 35.37
N LEU C 161 7.29 -7.99 35.34
CA LEU C 161 6.62 -7.56 36.55
C LEU C 161 6.00 -8.77 37.27
N GLN C 162 6.10 -8.79 38.60
CA GLN C 162 5.40 -9.80 39.37
C GLN C 162 3.90 -9.54 39.39
N ALA C 163 3.11 -10.57 39.15
CA ALA C 163 1.67 -10.42 39.24
C ALA C 163 1.04 -11.80 39.32
N ASP C 164 0.00 -11.92 40.13
CA ASP C 164 -0.94 -13.02 40.02
C ASP C 164 -2.10 -12.51 39.18
N PHE C 165 -2.18 -12.97 37.93
CA PHE C 165 -3.18 -12.45 37.01
C PHE C 165 -4.60 -12.61 37.53
N LEU C 166 -4.86 -13.64 38.34
CA LEU C 166 -6.18 -13.83 38.89
C LEU C 166 -6.56 -12.76 39.91
N LYS C 167 -5.58 -12.01 40.40
CA LYS C 167 -5.81 -10.96 41.38
C LYS C 167 -5.65 -9.56 40.80
N VAL C 168 -5.60 -9.42 39.48
CA VAL C 168 -5.43 -8.14 38.83
C VAL C 168 -6.78 -7.60 38.38
N GLU C 169 -7.08 -6.35 38.75
CA GLU C 169 -8.31 -5.69 38.31
C GLU C 169 -8.07 -4.95 37.00
N VAL C 170 -8.97 -5.11 36.04
CA VAL C 170 -8.91 -4.38 34.78
C VAL C 170 -9.80 -3.14 34.93
N VAL C 171 -9.18 -1.97 34.84
CA VAL C 171 -9.77 -0.71 35.27
C VAL C 171 -9.87 0.24 34.06
N PRO C 172 -11.05 0.76 33.73
CA PRO C 172 -11.13 1.79 32.69
C PRO C 172 -10.57 3.10 33.20
N GLY C 173 -10.10 3.93 32.28
CA GLY C 173 -9.72 5.28 32.63
C GLY C 173 -8.28 5.46 33.07
N ILE C 174 -7.52 4.40 33.30
CA ILE C 174 -6.10 4.53 33.60
C ILE C 174 -5.29 4.12 32.36
N ARG C 175 -3.99 4.34 32.42
CA ARG C 175 -3.13 4.26 31.24
C ARG C 175 -1.95 3.33 31.39
N GLU C 176 -1.58 2.95 32.60
CA GLU C 176 -0.39 2.17 32.89
C GLU C 176 -0.73 1.19 33.99
N PRO C 177 0.03 0.11 34.12
CA PRO C 177 -0.11 -0.75 35.30
C PRO C 177 0.06 0.04 36.59
N GLU C 178 -0.71 -0.33 37.60
CA GLU C 178 -0.60 0.22 38.94
C GLU C 178 -0.18 -0.90 39.87
N LEU C 179 0.93 -0.69 40.57
CA LEU C 179 1.55 -1.68 41.42
C LEU C 179 1.44 -1.27 42.88
N GLU C 180 1.38 -2.27 43.75
CA GLU C 180 1.35 -2.06 45.20
C GLU C 180 2.14 -3.18 45.85
N GLU C 181 3.12 -2.81 46.69
CA GLU C 181 3.98 -3.76 47.37
C GLU C 181 4.74 -4.61 46.36
N GLY C 182 5.13 -3.99 45.24
CA GLY C 182 5.90 -4.67 44.21
C GLY C 182 5.12 -5.57 43.30
N SER C 183 3.78 -5.60 43.39
CA SER C 183 2.97 -6.48 42.56
C SER C 183 1.96 -5.67 41.74
N VAL C 184 1.66 -6.13 40.53
CA VAL C 184 0.66 -5.44 39.71
C VAL C 184 -0.73 -5.75 40.27
N ARG C 185 -1.49 -4.70 40.60
CA ARG C 185 -2.86 -4.81 41.09
C ARG C 185 -3.90 -4.41 40.06
N ARG C 186 -3.61 -3.44 39.21
CA ARG C 186 -4.55 -2.96 38.22
C ARG C 186 -3.84 -2.80 36.89
N LEU C 187 -4.56 -3.10 35.80
CA LEU C 187 -4.14 -2.92 34.43
C LEU C 187 -5.15 -2.07 33.67
N PRO C 188 -4.71 -1.31 32.66
CA PRO C 188 -5.64 -0.43 31.94
C PRO C 188 -6.57 -1.22 31.01
N ALA C 189 -7.86 -0.92 31.10
CA ALA C 189 -8.85 -1.54 30.23
C ALA C 189 -8.73 -1.03 28.80
N SER C 190 -9.04 -1.91 27.84
CA SER C 190 -9.15 -1.54 26.43
C SER C 190 -7.90 -0.82 25.93
N HIS C 191 -6.75 -1.42 26.12
CA HIS C 191 -5.50 -0.68 26.00
C HIS C 191 -4.47 -1.44 25.16
N TYR C 192 -4.57 -2.76 25.10
CA TYR C 192 -3.60 -3.61 24.43
C TYR C 192 -4.15 -4.08 23.09
N GLU C 193 -3.34 -3.94 22.02
CA GLU C 193 -3.71 -4.57 20.76
C GLU C 193 -3.67 -6.09 20.87
N CYS C 194 -2.86 -6.61 21.79
CA CYS C 194 -2.65 -8.04 21.84
C CYS C 194 -2.41 -8.48 23.28
N VAL C 195 -3.01 -9.63 23.65
CA VAL C 195 -2.74 -10.28 24.93
C VAL C 195 -2.28 -11.70 24.63
N ILE C 196 -1.23 -12.15 25.32
CA ILE C 196 -0.59 -13.43 25.02
C ILE C 196 -0.69 -14.32 26.24
N PHE C 197 -1.32 -15.49 26.06
CA PHE C 197 -1.40 -16.56 27.05
C PHE C 197 -0.63 -17.74 26.45
N SER C 198 0.68 -17.72 26.58
CA SER C 198 1.52 -18.74 25.98
C SER C 198 1.86 -19.75 27.06
N LEU C 199 1.19 -20.90 27.01
CA LEU C 199 1.36 -21.98 27.98
C LEU C 199 1.01 -21.53 29.40
N LEU C 200 -0.05 -20.72 29.53
CA LEU C 200 -0.46 -20.13 30.80
C LEU C 200 -1.61 -20.87 31.46
N LEU C 201 -2.64 -21.25 30.70
CA LEU C 201 -3.90 -21.64 31.32
C LEU C 201 -3.84 -23.03 31.95
N GLU C 202 -2.88 -23.86 31.58
CA GLU C 202 -2.78 -25.15 32.24
C GLU C 202 -2.39 -25.00 33.71
N TYR C 203 -1.85 -23.84 34.09
CA TYR C 203 -1.57 -23.55 35.50
C TYR C 203 -2.82 -23.25 36.29
N MET C 204 -3.91 -22.89 35.65
CA MET C 204 -5.09 -22.50 36.40
C MET C 204 -5.75 -23.73 37.01
N PRO C 205 -6.08 -23.72 38.31
CA PRO C 205 -6.75 -24.87 38.91
C PRO C 205 -8.00 -25.34 38.18
N SER C 206 -8.89 -24.43 37.78
CA SER C 206 -10.22 -24.79 37.33
C SER C 206 -10.59 -24.14 36.01
N ALA C 207 -11.57 -24.73 35.33
CA ALA C 207 -12.08 -24.14 34.09
C ALA C 207 -12.68 -22.76 34.34
N GLU C 208 -13.33 -22.57 35.49
CA GLU C 208 -13.86 -21.27 35.83
C GLU C 208 -12.75 -20.23 35.88
N GLN C 209 -11.62 -20.58 36.50
CA GLN C 209 -10.51 -19.63 36.54
C GLN C 209 -9.89 -19.44 35.17
N ARG C 210 -9.90 -20.47 34.31
CA ARG C 210 -9.47 -20.26 32.94
C ARG C 210 -10.34 -19.22 32.25
N LEU C 211 -11.66 -19.30 32.45
CA LEU C 211 -12.56 -18.34 31.84
C LEU C 211 -12.33 -16.93 32.40
N GLN C 212 -12.16 -16.82 33.72
CA GLN C 212 -11.82 -15.53 34.32
C GLN C 212 -10.65 -14.87 33.60
N CYS C 213 -9.58 -15.64 33.31
CA CYS C 213 -8.43 -15.06 32.62
C CYS C 213 -8.81 -14.54 31.24
N CYS C 214 -9.61 -15.32 30.50
CA CYS C 214 -10.01 -14.89 29.18
C CYS C 214 -10.94 -13.67 29.25
N LEU C 215 -11.86 -13.65 30.22
CA LEU C 215 -12.69 -12.48 30.45
C LEU C 215 -11.83 -11.24 30.70
N GLN C 216 -10.81 -11.39 31.56
CA GLN C 216 -9.91 -10.27 31.83
C GLN C 216 -9.20 -9.84 30.56
N ALA C 217 -8.67 -10.81 29.79
CA ALA C 217 -8.05 -10.50 28.52
C ALA C 217 -9.00 -9.73 27.61
N TYR C 218 -10.26 -10.15 27.55
CA TYR C 218 -11.22 -9.43 26.71
C TYR C 218 -11.36 -7.98 27.16
N ASP C 219 -11.37 -7.74 28.47
CA ASP C 219 -11.51 -6.37 28.96
C ASP C 219 -10.26 -5.55 28.68
N LEU C 220 -9.10 -6.21 28.61
CA LEU C 220 -7.84 -5.54 28.32
C LEU C 220 -7.67 -5.20 26.86
N LEU C 221 -8.30 -5.95 25.96
CA LEU C 221 -8.11 -5.75 24.53
C LEU C 221 -8.81 -4.51 24.03
N LEU C 222 -8.12 -3.79 23.16
CA LEU C 222 -8.78 -2.84 22.28
C LEU C 222 -9.77 -3.55 21.37
N PRO C 223 -10.81 -2.84 20.89
CA PRO C 223 -11.65 -3.39 19.82
C PRO C 223 -10.81 -4.01 18.71
N GLU C 224 -11.17 -5.21 18.29
CA GLU C 224 -10.52 -5.99 17.24
C GLU C 224 -9.13 -6.45 17.63
N GLY C 225 -8.74 -6.30 18.90
CA GLY C 225 -7.49 -6.85 19.36
C GLY C 225 -7.54 -8.35 19.39
N ILE C 226 -6.39 -8.99 19.64
CA ILE C 226 -6.31 -10.44 19.56
C ILE C 226 -5.69 -11.02 20.83
N LEU C 227 -6.27 -12.12 21.28
CA LEU C 227 -5.72 -12.94 22.33
C LEU C 227 -4.99 -14.11 21.68
N VAL C 228 -3.71 -14.22 21.95
CA VAL C 228 -2.93 -15.36 21.48
C VAL C 228 -2.96 -16.42 22.56
N LEU C 229 -3.36 -17.62 22.20
CA LEU C 229 -3.53 -18.73 23.13
C LEU C 229 -2.68 -19.88 22.62
N ILE C 230 -1.65 -20.25 23.37
CA ILE C 230 -0.81 -21.40 23.06
C ILE C 230 -0.96 -22.41 24.18
N THR C 231 -1.35 -23.64 23.84
CA THR C 231 -1.65 -24.65 24.85
C THR C 231 -0.89 -25.93 24.57
N PRO C 232 -0.53 -26.66 25.62
CA PRO C 232 0.19 -27.93 25.43
C PRO C 232 -0.76 -29.03 25.01
N ASP C 233 -0.24 -29.97 24.23
CA ASP C 233 -1.04 -31.14 23.82
C ASP C 233 -1.60 -31.91 25.01
N LYS C 245 -15.35 -27.47 19.03
CA LYS C 245 -14.76 -27.64 20.36
C LYS C 245 -15.31 -26.58 21.34
N ASN C 246 -15.17 -26.85 22.65
CA ASN C 246 -15.83 -26.03 23.67
C ASN C 246 -15.12 -24.70 23.92
N TRP C 247 -13.84 -24.59 23.58
N TRP C 247 -13.80 -24.65 23.67
CA TRP C 247 -13.17 -23.32 23.76
CA TRP C 247 -13.06 -23.40 23.66
C TRP C 247 -13.71 -22.26 22.80
C TRP C 247 -13.81 -22.35 22.84
N ARG C 248 -13.98 -22.63 21.55
CA ARG C 248 -14.61 -21.69 20.63
C ARG C 248 -15.97 -21.23 21.15
N TYR C 249 -16.77 -22.17 21.67
CA TYR C 249 -18.07 -21.78 22.18
C TYR C 249 -17.95 -20.85 23.39
N SER C 250 -17.22 -21.28 24.43
CA SER C 250 -17.15 -20.47 25.64
C SER C 250 -16.54 -19.11 25.37
N LEU C 251 -15.53 -19.04 24.49
CA LEU C 251 -14.89 -17.76 24.22
C LEU C 251 -15.79 -16.84 23.37
N ALA C 252 -16.54 -17.42 22.43
CA ALA C 252 -17.49 -16.61 21.65
C ALA C 252 -18.59 -16.04 22.53
N ARG C 253 -18.92 -16.72 23.63
CA ARG C 253 -19.90 -16.21 24.58
C ARG C 253 -19.41 -14.97 25.29
N ILE C 254 -18.10 -14.74 25.35
CA ILE C 254 -17.58 -13.55 25.99
C ILE C 254 -17.13 -12.49 25.00
N GLY C 255 -17.16 -12.80 23.70
CA GLY C 255 -16.96 -11.79 22.69
C GLY C 255 -15.79 -12.06 21.75
N LEU C 256 -15.17 -13.24 21.89
CA LEU C 256 -13.94 -13.60 21.19
C LEU C 256 -14.23 -14.65 20.14
N LEU C 257 -13.90 -14.36 18.89
CA LEU C 257 -14.04 -15.30 17.79
C LEU C 257 -12.65 -15.78 17.35
N ARG C 258 -12.52 -17.08 17.14
CA ARG C 258 -11.23 -17.61 16.70
C ARG C 258 -10.95 -17.20 15.27
N VAL C 259 -9.74 -16.70 15.03
CA VAL C 259 -9.33 -16.31 13.68
C VAL C 259 -8.15 -17.11 13.16
N ARG C 260 -7.52 -17.93 14.00
CA ARG C 260 -6.36 -18.67 13.56
C ARG C 260 -6.17 -19.89 14.44
N PHE C 261 -5.78 -21.01 13.83
CA PHE C 261 -5.45 -22.22 14.56
C PHE C 261 -4.35 -22.93 13.78
N GLU C 262 -3.25 -23.24 14.44
CA GLU C 262 -2.24 -24.06 13.80
C GLU C 262 -1.62 -25.02 14.80
N LYS C 263 -1.35 -26.23 14.34
CA LYS C 263 -0.71 -27.23 15.17
C LYS C 263 0.80 -27.13 14.99
N LEU C 264 1.51 -26.99 16.11
CA LEU C 264 2.97 -27.05 16.09
C LEU C 264 3.39 -28.28 16.89
N PRO C 265 4.64 -28.72 16.82
CA PRO C 265 5.03 -29.90 17.59
C PRO C 265 4.76 -29.67 19.07
N HIS C 266 3.93 -30.56 19.64
CA HIS C 266 3.60 -30.62 21.07
C HIS C 266 2.71 -29.48 21.57
N ILE C 267 2.20 -28.59 20.70
CA ILE C 267 1.37 -27.48 21.15
C ILE C 267 0.30 -27.17 20.10
N SER C 268 -0.71 -26.41 20.50
CA SER C 268 -1.66 -25.83 19.58
C SER C 268 -1.59 -24.33 19.72
N CYS C 269 -1.53 -23.63 18.59
CA CYS C 269 -1.47 -22.17 18.60
C CYS C 269 -2.82 -21.65 18.11
N MET C 270 -3.47 -20.82 18.93
CA MET C 270 -4.76 -20.24 18.59
C MET C 270 -4.71 -18.74 18.74
N VAL C 271 -5.46 -18.04 17.89
CA VAL C 271 -5.66 -16.61 18.05
C VAL C 271 -7.15 -16.36 18.10
N PHE C 272 -7.60 -15.58 19.10
CA PHE C 272 -8.99 -15.17 19.22
C PHE C 272 -9.07 -13.66 19.16
N ARG C 273 -10.09 -13.18 18.46
CA ARG C 273 -10.25 -11.77 18.11
C ARG C 273 -11.41 -11.15 18.86
N LYS C 274 -11.19 -9.97 19.42
CA LYS C 274 -12.29 -9.20 19.99
C LYS C 274 -13.19 -8.69 18.86
N ALA C 275 -14.26 -9.43 18.56
CA ALA C 275 -15.17 -9.11 17.46
C ALA C 275 -15.69 -7.68 17.51
N ILE C 276 -16.14 -7.16 16.36
CA ILE C 276 -16.62 -5.79 16.30
C ILE C 276 -17.83 -5.62 17.20
N SER C 277 -18.55 -6.71 17.50
CA SER C 277 -19.72 -6.64 18.36
C SER C 277 -19.71 -7.88 19.23
N ARG C 278 -19.74 -7.68 20.54
CA ARG C 278 -19.86 -8.81 21.45
C ARG C 278 -21.20 -9.52 21.27
N GLU C 279 -22.29 -8.78 21.02
CA GLU C 279 -23.58 -9.43 20.78
C GLU C 279 -23.52 -10.32 19.54
N LEU C 280 -22.81 -9.87 18.51
CA LEU C 280 -22.58 -10.68 17.31
C LEU C 280 -21.89 -11.98 17.66
N SER C 281 -20.74 -11.88 18.34
CA SER C 281 -20.05 -13.07 18.79
C SER C 281 -20.97 -13.99 19.61
N GLN C 282 -21.72 -13.41 20.55
CA GLN C 282 -22.63 -14.21 21.38
C GLN C 282 -23.70 -14.89 20.53
N HIS C 283 -24.17 -14.23 19.48
CA HIS C 283 -25.21 -14.87 18.67
C HIS C 283 -24.64 -16.05 17.89
N TRP C 284 -23.45 -15.89 17.32
CA TRP C 284 -22.78 -17.01 16.68
C TRP C 284 -22.58 -18.16 17.66
N ALA C 285 -22.31 -17.83 18.93
CA ALA C 285 -22.18 -18.87 19.95
C ALA C 285 -23.49 -19.62 20.12
N SER C 286 -24.60 -18.88 20.24
CA SER C 286 -25.93 -19.49 20.34
C SER C 286 -26.15 -20.51 19.24
N ILE C 287 -25.80 -20.15 18.00
CA ILE C 287 -26.10 -21.00 16.86
C ILE C 287 -25.21 -22.24 16.87
N HIS C 288 -24.03 -22.14 17.46
CA HIS C 288 -23.05 -23.22 17.39
C HIS C 288 -22.86 -23.95 18.72
N ARG C 289 -23.81 -23.83 19.65
CA ARG C 289 -23.74 -24.56 20.92
C ARG C 289 -24.01 -26.04 20.70
N VAL D 68 -12.87 40.81 -23.20
CA VAL D 68 -13.06 39.56 -22.48
C VAL D 68 -11.70 39.00 -22.09
N GLU D 69 -11.66 38.25 -20.99
CA GLU D 69 -10.39 37.76 -20.45
C GLU D 69 -10.18 36.29 -20.74
N LEU D 70 -8.99 35.82 -20.38
CA LEU D 70 -8.71 34.39 -20.43
C LEU D 70 -9.58 33.67 -19.39
N GLN D 71 -9.81 32.38 -19.65
CA GLN D 71 -10.61 31.53 -18.76
C GLN D 71 -9.80 31.20 -17.50
N ALA D 72 -10.51 31.09 -16.38
CA ALA D 72 -9.86 31.19 -15.05
C ALA D 72 -8.89 30.04 -14.77
N ARG D 73 -9.25 28.79 -15.07
CA ARG D 73 -8.45 27.63 -14.64
C ARG D 73 -8.00 26.76 -15.82
N SER D 74 -7.61 27.40 -16.91
CA SER D 74 -7.31 26.74 -18.18
C SER D 74 -5.84 26.30 -18.24
N ARG D 75 -5.50 25.62 -19.34
CA ARG D 75 -4.09 25.33 -19.62
C ARG D 75 -3.26 26.59 -19.75
N ILE D 76 -3.86 27.69 -20.24
CA ILE D 76 -3.12 28.94 -20.41
C ILE D 76 -2.68 29.49 -19.06
N LYS D 77 -3.66 29.66 -18.15
CA LYS D 77 -3.39 30.15 -16.80
C LYS D 77 -2.45 29.23 -16.05
N TRP D 78 -2.64 27.92 -16.21
CA TRP D 78 -1.76 26.96 -15.56
C TRP D 78 -0.32 27.17 -16.01
N ALA D 79 -0.10 27.29 -17.32
CA ALA D 79 1.25 27.45 -17.85
C ALA D 79 1.85 28.79 -17.44
N ILE D 80 1.06 29.87 -17.48
CA ILE D 80 1.55 31.18 -17.07
C ILE D 80 1.99 31.14 -15.62
N ASP D 81 1.17 30.52 -14.77
CA ASP D 81 1.48 30.36 -13.36
C ASP D 81 2.79 29.61 -13.16
N TYR D 82 2.95 28.47 -13.82
CA TYR D 82 4.16 27.67 -13.60
C TYR D 82 5.41 28.44 -14.03
N ILE D 83 5.36 29.06 -15.22
CA ILE D 83 6.51 29.82 -15.70
C ILE D 83 6.94 30.87 -14.69
N THR D 84 5.97 31.57 -14.11
CA THR D 84 6.29 32.58 -13.11
C THR D 84 6.95 31.96 -11.88
N LYS D 85 6.40 30.84 -11.38
CA LYS D 85 7.04 30.14 -10.27
C LYS D 85 8.44 29.62 -10.64
N TYR D 86 8.59 29.08 -11.85
CA TYR D 86 9.86 28.45 -12.23
C TYR D 86 11.00 29.47 -12.24
N PHE D 87 10.78 30.63 -12.84
CA PHE D 87 11.85 31.58 -12.99
C PHE D 87 11.93 32.60 -11.86
N PHE D 88 10.79 32.93 -11.25
CA PHE D 88 10.74 34.11 -10.38
C PHE D 88 10.32 33.77 -8.96
N THR D 89 9.06 33.39 -8.72
CA THR D 89 8.54 33.52 -7.36
C THR D 89 8.95 32.36 -6.46
N GLU D 90 9.31 31.22 -7.01
CA GLU D 90 9.77 30.09 -6.22
C GLU D 90 11.17 29.62 -6.58
N GLY D 91 11.77 30.18 -7.62
CA GLY D 91 13.11 29.77 -8.04
C GLY D 91 13.22 28.29 -8.32
N ILE D 92 12.23 27.71 -8.98
CA ILE D 92 12.27 26.27 -9.20
C ILE D 92 13.44 25.91 -10.11
N TYR D 93 13.83 26.81 -11.01
CA TYR D 93 14.98 26.51 -11.86
C TYR D 93 16.24 26.31 -11.03
N LEU D 94 16.34 27.01 -9.90
CA LEU D 94 17.47 26.78 -9.00
C LEU D 94 17.31 25.51 -8.17
N GLN D 95 16.08 25.16 -7.77
CA GLN D 95 15.89 23.91 -7.04
C GLN D 95 16.25 22.71 -7.90
N LYS D 96 15.87 22.74 -9.19
CA LYS D 96 16.18 21.66 -10.12
C LYS D 96 17.65 21.67 -10.51
N ARG D 97 18.29 22.83 -10.53
CA ARG D 97 19.75 22.85 -10.70
C ARG D 97 20.44 22.07 -9.59
N GLN D 98 20.01 22.29 -8.34
CA GLN D 98 20.61 21.57 -7.21
C GLN D 98 20.33 20.07 -7.28
N ARG D 99 19.10 19.70 -7.63
N ARG D 99 19.10 19.68 -7.64
CA ARG D 99 18.75 18.29 -7.78
CA ARG D 99 18.79 18.26 -7.77
C ARG D 99 19.60 17.63 -8.86
C ARG D 99 19.65 17.62 -8.86
N GLU D 100 19.85 18.34 -9.96
CA GLU D 100 20.70 17.82 -11.03
C GLU D 100 22.15 17.77 -10.60
N GLN D 101 22.60 18.75 -9.82
CA GLN D 101 23.97 18.69 -9.30
C GLN D 101 24.15 17.54 -8.31
N ARG D 102 23.14 17.28 -7.48
CA ARG D 102 23.19 16.09 -6.63
C ARG D 102 23.24 14.83 -7.49
N LEU D 103 22.43 14.77 -8.53
CA LEU D 103 22.36 13.56 -9.34
C LEU D 103 23.66 13.33 -10.09
N LEU D 104 24.27 14.39 -10.61
CA LEU D 104 25.55 14.26 -11.31
C LEU D 104 26.64 13.77 -10.35
N GLU D 105 26.62 14.26 -9.11
CA GLU D 105 27.59 13.80 -8.13
C GLU D 105 27.41 12.32 -7.80
N SER D 106 26.16 11.86 -7.72
CA SER D 106 25.92 10.43 -7.48
C SER D 106 26.52 9.58 -8.59
N TYR D 107 26.16 9.90 -9.83
CA TYR D 107 26.70 9.19 -10.98
C TYR D 107 28.22 9.21 -10.99
N ARG D 108 28.82 10.38 -10.71
CA ARG D 108 30.28 10.48 -10.69
C ARG D 108 30.91 9.60 -9.62
N ALA D 109 30.29 9.54 -8.44
CA ALA D 109 30.81 8.68 -7.38
C ALA D 109 30.70 7.20 -7.74
N GLU D 110 29.76 6.83 -8.60
CA GLU D 110 29.64 5.47 -9.08
C GLU D 110 30.46 5.21 -10.35
N GLY D 111 31.35 6.12 -10.73
CA GLY D 111 32.14 5.98 -11.93
C GLY D 111 31.38 5.87 -13.23
N LYS D 112 30.04 5.86 -13.20
CA LYS D 112 29.21 5.75 -14.40
C LYS D 112 29.12 7.06 -15.16
N LEU D 113 29.72 8.14 -14.67
CA LEU D 113 29.83 9.39 -15.42
C LEU D 113 31.09 10.11 -14.95
N GLY D 114 31.69 10.87 -15.86
CA GLY D 114 32.93 11.56 -15.56
C GLY D 114 32.76 13.07 -15.43
N GLU D 115 33.70 13.82 -16.00
CA GLU D 115 33.65 15.28 -15.95
C GLU D 115 32.93 15.78 -17.21
N VAL D 116 31.67 16.16 -17.07
CA VAL D 116 30.87 16.64 -18.17
C VAL D 116 30.87 18.16 -18.16
N GLN D 117 30.44 18.76 -19.27
CA GLN D 117 30.27 20.20 -19.37
C GLN D 117 28.87 20.58 -18.88
N CYS D 118 28.80 21.44 -17.86
CA CYS D 118 27.53 21.99 -17.42
C CYS D 118 27.32 23.38 -18.00
N ARG D 119 26.08 23.69 -18.32
CA ARG D 119 25.72 25.01 -18.82
C ARG D 119 24.53 25.53 -18.02
N LEU D 120 24.71 26.71 -17.43
CA LEU D 120 23.78 27.25 -16.47
C LEU D 120 23.23 28.57 -17.00
N MET D 121 21.96 28.81 -16.69
CA MET D 121 21.32 30.07 -17.00
C MET D 121 21.78 31.15 -16.04
N GLU D 122 22.03 32.34 -16.57
CA GLU D 122 22.16 33.50 -15.70
C GLU D 122 20.79 33.89 -15.17
N GLU D 123 20.78 34.76 -14.17
CA GLU D 123 19.53 35.21 -13.58
C GLU D 123 18.56 35.67 -14.67
N PRO D 124 17.34 35.14 -14.74
CA PRO D 124 16.44 35.50 -15.83
C PRO D 124 16.05 36.96 -15.75
N PRO D 125 15.89 37.63 -16.88
CA PRO D 125 15.38 39.00 -16.88
C PRO D 125 13.90 39.00 -16.55
N ASP D 126 13.39 40.18 -16.18
CA ASP D 126 11.98 40.27 -15.80
C ASP D 126 11.05 39.96 -16.98
N ARG D 127 11.50 40.22 -18.21
CA ARG D 127 10.73 39.91 -19.42
C ARG D 127 11.37 38.69 -20.06
N LEU D 128 10.68 37.56 -20.02
CA LEU D 128 11.17 36.31 -20.58
C LEU D 128 10.88 36.22 -22.08
N HIS D 129 11.86 35.73 -22.83
CA HIS D 129 11.61 35.37 -24.23
C HIS D 129 10.91 34.01 -24.27
N VAL D 130 9.70 33.99 -24.82
CA VAL D 130 8.85 32.81 -24.88
C VAL D 130 8.49 32.53 -26.33
N LEU D 131 8.64 31.28 -26.76
CA LEU D 131 8.21 30.86 -28.09
C LEU D 131 6.99 29.96 -27.96
N ASP D 132 5.87 30.41 -28.53
CA ASP D 132 4.60 29.68 -28.49
C ASP D 132 4.40 29.06 -29.86
N VAL D 133 4.51 27.73 -29.95
CA VAL D 133 4.45 27.04 -31.26
C VAL D 133 3.07 26.43 -31.43
N GLY D 134 2.42 26.74 -32.56
CA GLY D 134 1.02 26.37 -32.69
C GLY D 134 0.13 27.30 -31.88
N SER D 135 0.48 28.57 -31.84
CA SER D 135 -0.14 29.50 -30.91
C SER D 135 -1.61 29.73 -31.20
N CYS D 136 -2.00 29.65 -32.48
CA CYS D 136 -3.34 29.99 -32.94
C CYS D 136 -3.65 31.47 -32.75
N PHE D 137 -3.82 31.94 -31.49
CA PHE D 137 -4.26 33.32 -31.26
C PHE D 137 -3.40 34.05 -30.23
N ASN D 138 -2.20 33.57 -29.92
CA ASN D 138 -1.28 34.26 -29.01
C ASN D 138 -1.86 34.56 -27.62
N PRO D 139 -2.42 33.57 -26.94
CA PRO D 139 -2.99 33.82 -25.59
C PRO D 139 -1.98 34.22 -24.51
N PHE D 140 -0.73 33.81 -24.62
CA PHE D 140 0.24 34.10 -23.56
C PHE D 140 0.77 35.54 -23.62
N SER D 141 0.54 36.25 -24.73
CA SER D 141 1.01 37.61 -24.84
C SER D 141 0.36 38.54 -23.83
N SER D 142 -0.68 38.09 -23.13
CA SER D 142 -1.37 38.89 -22.13
C SER D 142 -0.71 38.84 -20.76
N ALA D 143 0.33 38.02 -20.59
CA ALA D 143 1.01 37.88 -19.31
C ALA D 143 2.20 38.82 -19.28
N PRO D 144 2.26 39.77 -18.33
CA PRO D 144 3.29 40.83 -18.40
C PRO D 144 4.73 40.33 -18.50
N HIS D 145 5.05 39.18 -17.89
CA HIS D 145 6.40 38.62 -17.87
C HIS D 145 6.82 37.98 -19.18
N LEU D 146 5.87 37.66 -20.06
CA LEU D 146 6.15 36.83 -21.23
C LEU D 146 6.26 37.71 -22.46
N GLU D 147 7.46 37.78 -23.02
CA GLU D 147 7.67 38.44 -24.31
C GLU D 147 7.58 37.36 -25.38
N VAL D 148 6.40 37.23 -25.98
CA VAL D 148 6.03 36.03 -26.72
C VAL D 148 6.26 36.26 -28.20
N THR D 149 7.00 35.34 -28.82
CA THR D 149 7.04 35.17 -30.27
C THR D 149 6.13 34.00 -30.58
N ALA D 150 5.07 34.23 -31.36
CA ALA D 150 4.03 33.23 -31.56
C ALA D 150 4.00 32.79 -33.02
N LEU D 151 3.96 31.46 -33.23
CA LEU D 151 4.08 30.86 -34.54
C LEU D 151 2.86 29.98 -34.79
N ASP D 152 2.42 29.93 -36.05
CA ASP D 152 1.33 28.99 -36.32
C ASP D 152 1.27 28.68 -37.80
N LEU D 153 0.94 27.42 -38.09
CA LEU D 153 0.77 26.99 -39.48
C LEU D 153 -0.32 27.79 -40.17
N CYS D 154 -1.40 28.10 -39.44
CA CYS D 154 -2.56 28.82 -39.97
C CYS D 154 -3.01 29.86 -38.95
N PRO D 155 -2.28 30.98 -38.84
CA PRO D 155 -2.55 31.96 -37.78
C PRO D 155 -3.98 32.48 -37.79
N ALA D 156 -4.55 32.63 -36.59
CA ALA D 156 -5.89 33.17 -36.46
C ALA D 156 -5.90 34.68 -36.26
N THR D 157 -4.84 35.23 -35.66
CA THR D 157 -4.75 36.65 -35.39
C THR D 157 -3.47 37.20 -35.99
N GLU D 158 -3.46 38.54 -36.14
CA GLU D 158 -2.40 39.27 -36.84
C GLU D 158 -1.09 39.27 -36.08
N ASP D 159 -1.11 39.02 -34.78
CA ASP D 159 0.11 39.03 -33.99
C ASP D 159 0.74 37.65 -33.89
N VAL D 160 0.31 36.71 -34.73
CA VAL D 160 0.89 35.38 -34.78
C VAL D 160 1.55 35.23 -36.13
N LEU D 161 2.86 34.94 -36.14
CA LEU D 161 3.59 34.76 -37.38
C LEU D 161 3.26 33.40 -38.01
N GLN D 162 3.22 33.37 -39.35
CA GLN D 162 2.98 32.11 -40.05
C GLN D 162 4.27 31.29 -40.12
N ALA D 163 4.16 29.99 -39.84
CA ALA D 163 5.28 29.08 -39.96
C ALA D 163 4.77 27.65 -39.90
N ASP D 164 5.44 26.77 -40.64
CA ASP D 164 5.39 25.33 -40.41
C ASP D 164 6.62 24.97 -39.59
N PHE D 165 6.42 24.65 -38.31
CA PHE D 165 7.55 24.45 -37.40
C PHE D 165 8.48 23.35 -37.87
N LEU D 166 7.96 22.35 -38.60
CA LEU D 166 8.79 21.27 -39.09
C LEU D 166 9.76 21.73 -40.18
N LYS D 167 9.53 22.91 -40.75
CA LYS D 167 10.40 23.48 -41.77
C LYS D 167 11.16 24.69 -41.26
N VAL D 168 11.24 24.87 -39.94
CA VAL D 168 11.95 26.00 -39.35
C VAL D 168 13.34 25.52 -38.92
N GLU D 169 14.37 26.25 -39.35
CA GLU D 169 15.75 25.99 -38.94
C GLU D 169 16.09 26.80 -37.69
N VAL D 170 16.65 26.11 -36.70
CA VAL D 170 17.13 26.74 -35.46
C VAL D 170 18.59 27.09 -35.67
N VAL D 171 18.92 28.38 -35.63
CA VAL D 171 20.19 28.88 -36.13
C VAL D 171 20.93 29.59 -35.01
N PRO D 172 22.16 29.20 -34.66
CA PRO D 172 22.92 29.94 -33.66
C PRO D 172 23.35 31.29 -34.21
N GLY D 173 23.34 32.30 -33.34
CA GLY D 173 23.88 33.59 -33.73
C GLY D 173 22.88 34.66 -34.08
N ILE D 174 21.79 34.32 -34.76
CA ILE D 174 20.79 35.33 -35.02
C ILE D 174 20.03 35.65 -33.73
N ARG D 175 19.44 36.84 -33.70
CA ARG D 175 18.73 37.35 -32.53
C ARG D 175 17.22 37.39 -32.70
N GLU D 176 16.72 37.21 -33.92
CA GLU D 176 15.32 37.45 -34.25
C GLU D 176 14.87 36.41 -35.26
N PRO D 177 13.56 36.15 -35.34
CA PRO D 177 13.05 35.30 -36.43
C PRO D 177 13.36 35.92 -37.78
N GLU D 178 13.64 35.06 -38.75
CA GLU D 178 13.87 35.49 -40.13
C GLU D 178 12.78 34.93 -41.01
N LEU D 179 12.17 35.79 -41.81
CA LEU D 179 11.00 35.42 -42.60
C LEU D 179 11.36 35.44 -44.08
N GLU D 180 10.89 34.43 -44.80
CA GLU D 180 10.98 34.38 -46.25
C GLU D 180 9.60 34.12 -46.82
N GLU D 181 9.17 34.98 -47.75
CA GLU D 181 7.83 34.93 -48.32
C GLU D 181 6.76 35.04 -47.23
N GLY D 182 7.07 35.75 -46.16
CA GLY D 182 6.11 35.95 -45.08
C GLY D 182 5.92 34.75 -44.18
N SER D 183 6.80 33.76 -44.25
CA SER D 183 6.79 32.56 -43.42
C SER D 183 8.08 32.51 -42.61
N VAL D 184 8.01 32.09 -41.35
CA VAL D 184 9.24 31.99 -40.55
C VAL D 184 10.06 30.82 -41.07
N ARG D 185 11.30 31.09 -41.45
CA ARG D 185 12.21 30.03 -41.89
C ARG D 185 13.35 29.76 -40.93
N ARG D 186 13.77 30.74 -40.13
CA ARG D 186 14.85 30.56 -39.17
C ARG D 186 14.49 31.23 -37.83
N LEU D 187 14.90 30.59 -36.74
CA LEU D 187 14.71 31.06 -35.39
C LEU D 187 16.04 31.03 -34.63
N PRO D 188 16.22 31.93 -33.67
CA PRO D 188 17.51 31.98 -32.94
C PRO D 188 17.70 30.79 -32.01
N ALA D 189 18.85 30.14 -32.12
CA ALA D 189 19.15 29.04 -31.20
C ALA D 189 19.49 29.57 -29.81
N SER D 190 19.19 28.75 -28.81
CA SER D 190 19.54 29.01 -27.40
C SER D 190 19.16 30.44 -27.00
N HIS D 191 17.87 30.74 -27.12
CA HIS D 191 17.39 32.11 -27.03
C HIS D 191 16.15 32.27 -26.17
N TYR D 192 15.36 31.21 -25.97
CA TYR D 192 14.09 31.32 -25.28
C TYR D 192 14.23 30.70 -23.89
N GLU D 193 13.71 31.41 -22.88
CA GLU D 193 13.60 30.82 -21.57
C GLU D 193 12.50 29.77 -21.56
N CYS D 194 11.58 29.83 -22.51
CA CYS D 194 10.46 28.90 -22.49
C CYS D 194 9.93 28.70 -23.92
N VAL D 195 9.62 27.44 -24.24
CA VAL D 195 8.98 27.04 -25.48
C VAL D 195 7.68 26.34 -25.10
N ILE D 196 6.59 26.67 -25.79
CA ILE D 196 5.27 26.17 -25.46
C ILE D 196 4.72 25.39 -26.65
N PHE D 197 4.40 24.12 -26.40
CA PHE D 197 3.71 23.23 -27.33
C PHE D 197 2.38 22.92 -26.67
N SER D 198 1.42 23.83 -26.78
CA SER D 198 0.11 23.66 -26.17
C SER D 198 -0.82 23.04 -27.21
N LEU D 199 -1.00 21.73 -27.11
CA LEU D 199 -1.89 20.96 -27.98
C LEU D 199 -1.43 21.00 -29.45
N LEU D 200 -0.11 21.03 -29.63
CA LEU D 200 0.54 21.04 -30.92
C LEU D 200 0.78 19.64 -31.47
N LEU D 201 1.40 18.77 -30.67
CA LEU D 201 2.02 17.55 -31.20
C LEU D 201 1.02 16.54 -31.73
N GLU D 202 -0.25 16.63 -31.36
CA GLU D 202 -1.19 15.68 -31.95
C GLU D 202 -1.45 15.98 -33.43
N TYR D 203 -0.95 17.10 -33.95
CA TYR D 203 -1.00 17.38 -35.37
C TYR D 203 0.14 16.73 -36.15
N MET D 204 1.17 16.26 -35.47
CA MET D 204 2.31 15.71 -36.19
C MET D 204 1.99 14.32 -36.69
N PRO D 205 2.29 14.01 -37.96
CA PRO D 205 1.87 12.71 -38.53
C PRO D 205 2.57 11.52 -37.91
N SER D 206 3.73 11.69 -37.30
CA SER D 206 4.55 10.56 -36.89
C SER D 206 5.20 10.84 -35.55
N ALA D 207 5.63 9.76 -34.90
CA ALA D 207 6.44 9.88 -33.69
C ALA D 207 7.78 10.53 -34.00
N GLU D 208 8.34 10.28 -35.19
CA GLU D 208 9.61 10.87 -35.56
C GLU D 208 9.48 12.38 -35.67
N GLN D 209 8.39 12.85 -36.25
CA GLN D 209 8.21 14.30 -36.39
C GLN D 209 7.87 14.96 -35.06
N ARG D 210 7.13 14.27 -34.17
CA ARG D 210 6.94 14.81 -32.82
C ARG D 210 8.27 14.92 -32.10
N LEU D 211 9.17 13.99 -32.36
CA LEU D 211 10.48 14.06 -31.74
C LEU D 211 11.31 15.18 -32.36
N GLN D 212 11.21 15.36 -33.68
CA GLN D 212 11.93 16.45 -34.33
C GLN D 212 11.48 17.79 -33.76
N CYS D 213 10.20 17.91 -33.41
CA CYS D 213 9.72 19.14 -32.79
C CYS D 213 10.41 19.38 -31.46
N CYS D 214 10.55 18.34 -30.65
CA CYS D 214 11.12 18.49 -29.32
C CYS D 214 12.62 18.74 -29.40
N LEU D 215 13.30 18.11 -30.38
CA LEU D 215 14.72 18.41 -30.61
C LEU D 215 14.91 19.88 -30.98
N GLN D 216 14.03 20.42 -31.83
CA GLN D 216 14.09 21.84 -32.16
C GLN D 216 13.81 22.70 -30.92
N ALA D 217 12.78 22.34 -30.14
CA ALA D 217 12.55 23.08 -28.90
C ALA D 217 13.80 23.08 -28.02
N TYR D 218 14.48 21.94 -27.93
CA TYR D 218 15.67 21.86 -27.11
C TYR D 218 16.75 22.82 -27.60
N ASP D 219 17.01 22.84 -28.92
CA ASP D 219 18.00 23.76 -29.46
C ASP D 219 17.55 25.22 -29.32
N LEU D 220 16.25 25.46 -29.20
CA LEU D 220 15.75 26.82 -29.03
C LEU D 220 15.89 27.33 -27.61
N LEU D 221 15.98 26.44 -26.63
CA LEU D 221 15.97 26.83 -25.23
C LEU D 221 17.34 27.28 -24.75
N LEU D 222 17.34 28.29 -23.89
CA LEU D 222 18.51 28.57 -23.09
C LEU D 222 18.78 27.43 -22.11
N PRO D 223 20.01 27.34 -21.60
CA PRO D 223 20.28 26.42 -20.48
C PRO D 223 19.24 26.61 -19.39
N GLU D 224 18.76 25.49 -18.86
CA GLU D 224 17.76 25.41 -17.80
C GLU D 224 16.40 25.99 -18.20
N GLY D 225 16.20 26.30 -19.48
CA GLY D 225 14.88 26.70 -19.95
C GLY D 225 13.92 25.54 -19.96
N ILE D 226 12.65 25.84 -20.21
CA ILE D 226 11.61 24.84 -20.05
C ILE D 226 10.75 24.75 -21.31
N LEU D 227 10.43 23.52 -21.70
CA LEU D 227 9.43 23.19 -22.69
C LEU D 227 8.13 22.84 -21.98
N VAL D 228 7.10 23.66 -22.17
CA VAL D 228 5.78 23.36 -21.64
C VAL D 228 5.04 22.54 -22.68
N LEU D 229 4.58 21.36 -22.28
CA LEU D 229 3.96 20.39 -23.18
C LEU D 229 2.55 20.09 -22.66
N ILE D 230 1.53 20.54 -23.38
CA ILE D 230 0.13 20.28 -23.02
C ILE D 230 -0.48 19.35 -24.06
N THR D 231 -1.07 18.25 -23.60
CA THR D 231 -1.54 17.23 -24.52
C THR D 231 -2.98 16.85 -24.23
N PRO D 232 -3.75 16.51 -25.27
CA PRO D 232 -5.12 16.04 -25.06
C PRO D 232 -5.15 14.61 -24.56
N ASP D 233 -6.14 14.32 -23.71
CA ASP D 233 -6.34 12.96 -23.20
C ASP D 233 -6.49 11.91 -24.31
N ASN D 246 8.51 5.55 -23.00
CA ASN D 246 7.71 6.69 -22.60
C ASN D 246 8.25 8.01 -23.19
N TRP D 247 7.45 9.08 -23.11
CA TRP D 247 7.94 10.41 -23.45
C TRP D 247 9.16 10.80 -22.62
N ARG D 248 9.13 10.47 -21.32
CA ARG D 248 10.20 10.87 -20.42
C ARG D 248 11.55 10.27 -20.87
N TYR D 249 11.55 8.97 -21.21
CA TYR D 249 12.76 8.37 -21.73
C TYR D 249 13.18 9.05 -23.04
N SER D 250 12.24 9.22 -23.97
CA SER D 250 12.52 9.87 -25.23
C SER D 250 13.10 11.28 -25.02
N LEU D 251 12.41 12.11 -24.23
CA LEU D 251 12.89 13.47 -24.04
C LEU D 251 14.22 13.51 -23.27
N ALA D 252 14.41 12.60 -22.32
CA ALA D 252 15.67 12.58 -21.59
C ALA D 252 16.85 12.20 -22.49
N ARG D 253 16.61 11.41 -23.53
CA ARG D 253 17.69 11.08 -24.45
C ARG D 253 18.25 12.31 -25.15
N ILE D 254 17.44 13.37 -25.30
CA ILE D 254 17.86 14.56 -26.02
C ILE D 254 18.17 15.72 -25.09
N GLY D 255 18.08 15.51 -23.78
CA GLY D 255 18.50 16.50 -22.80
C GLY D 255 17.39 17.07 -21.93
N LEU D 256 16.14 16.63 -22.07
CA LEU D 256 15.00 17.18 -21.34
C LEU D 256 14.59 16.24 -20.20
N LEU D 257 14.59 16.76 -18.96
CA LEU D 257 14.10 16.05 -17.79
C LEU D 257 12.80 16.69 -17.33
N ARG D 258 11.80 15.87 -16.99
CA ARG D 258 10.49 16.38 -16.63
C ARG D 258 10.52 16.97 -15.24
N VAL D 259 10.01 18.19 -15.08
CA VAL D 259 10.02 18.85 -13.78
C VAL D 259 8.63 19.07 -13.22
N ARG D 260 7.58 18.83 -14.00
CA ARG D 260 6.22 19.05 -13.52
C ARG D 260 5.24 18.24 -14.35
N PHE D 261 4.26 17.67 -13.67
CA PHE D 261 3.14 17.02 -14.34
C PHE D 261 1.89 17.35 -13.56
N GLU D 262 0.87 17.85 -14.25
CA GLU D 262 -0.42 18.04 -13.59
C GLU D 262 -1.53 17.65 -14.53
N LYS D 263 -2.59 17.08 -13.97
CA LYS D 263 -3.75 16.68 -14.74
C LYS D 263 -4.82 17.75 -14.60
N LEU D 264 -5.31 18.23 -15.75
CA LEU D 264 -6.39 19.20 -15.83
C LEU D 264 -7.53 18.54 -16.61
N PRO D 265 -8.77 19.08 -16.58
CA PRO D 265 -9.85 18.43 -17.33
C PRO D 265 -9.48 18.26 -18.79
N HIS D 266 -9.49 17.02 -19.26
CA HIS D 266 -9.31 16.64 -20.65
C HIS D 266 -7.90 16.84 -21.17
N ILE D 267 -6.94 17.26 -20.34
CA ILE D 267 -5.58 17.51 -20.81
C ILE D 267 -4.57 17.09 -19.74
N SER D 268 -3.34 16.84 -20.20
CA SER D 268 -2.18 16.63 -19.34
C SER D 268 -1.21 17.79 -19.55
N CYS D 269 -0.72 18.36 -18.45
CA CYS D 269 0.18 19.50 -18.50
C CYS D 269 1.55 19.06 -18.01
N MET D 270 2.56 19.24 -18.85
CA MET D 270 3.91 18.80 -18.53
C MET D 270 4.92 19.89 -18.81
N VAL D 271 5.95 19.96 -17.97
CA VAL D 271 7.08 20.86 -18.17
C VAL D 271 8.34 20.02 -18.19
N PHE D 272 9.12 20.17 -19.26
CA PHE D 272 10.39 19.48 -19.43
C PHE D 272 11.51 20.51 -19.42
N ARG D 273 12.51 20.27 -18.58
CA ARG D 273 13.59 21.21 -18.36
C ARG D 273 14.84 20.81 -19.14
N LYS D 274 15.47 21.79 -19.74
CA LYS D 274 16.77 21.62 -20.38
C LYS D 274 17.85 21.46 -19.30
N ALA D 275 18.22 20.21 -19.01
CA ALA D 275 19.11 19.92 -17.88
C ALA D 275 20.44 20.65 -18.02
N ILE D 276 21.10 20.89 -16.88
CA ILE D 276 22.42 21.54 -16.87
C ILE D 276 23.41 20.81 -17.75
N SER D 277 23.19 19.51 -17.96
CA SER D 277 24.09 18.72 -18.80
C SER D 277 23.25 17.75 -19.59
N ARG D 278 23.44 17.72 -20.92
CA ARG D 278 22.70 16.75 -21.72
C ARG D 278 23.20 15.34 -21.45
N GLU D 279 24.50 15.17 -21.26
CA GLU D 279 25.02 13.84 -20.97
C GLU D 279 24.49 13.32 -19.64
N LEU D 280 24.26 14.22 -18.68
CA LEU D 280 23.59 13.83 -17.44
C LEU D 280 22.20 13.31 -17.72
N SER D 281 21.45 14.04 -18.55
CA SER D 281 20.11 13.62 -18.91
C SER D 281 20.13 12.28 -19.65
N GLN D 282 21.08 12.11 -20.57
CA GLN D 282 21.16 10.88 -21.35
C GLN D 282 21.50 9.69 -20.48
N HIS D 283 22.35 9.89 -19.47
CA HIS D 283 22.66 8.80 -18.56
C HIS D 283 21.45 8.39 -17.74
N TRP D 284 20.68 9.38 -17.28
CA TRP D 284 19.42 9.07 -16.60
C TRP D 284 18.52 8.24 -17.49
N ALA D 285 18.44 8.58 -18.78
CA ALA D 285 17.60 7.82 -19.70
C ALA D 285 18.08 6.39 -19.83
N SER D 286 19.40 6.18 -19.93
CA SER D 286 19.93 4.81 -19.96
C SER D 286 19.40 3.99 -18.80
N ILE D 287 19.46 4.55 -17.59
CA ILE D 287 19.05 3.84 -16.40
C ILE D 287 17.56 3.53 -16.43
N HIS D 288 16.76 4.47 -16.94
CA HIS D 288 15.30 4.40 -16.85
C HIS D 288 14.64 3.97 -18.16
N ARG D 289 15.31 3.14 -18.96
CA ARG D 289 14.70 2.63 -20.19
C ARG D 289 13.60 1.61 -19.85
#